data_6H4J
#
_entry.id   6H4J
#
_cell.length_a   81.945
_cell.length_b   202.629
_cell.length_c   169.594
_cell.angle_alpha   90.00
_cell.angle_beta   90.00
_cell.angle_gamma   90.00
#
_symmetry.space_group_name_H-M   'C 2 2 21'
#
loop_
_entity.id
_entity.type
_entity.pdbx_description
1 polymer 'Ubiquitin carboxyl-terminal hydrolase 25'
2 non-polymer 'CHLORIDE ION'
3 water water
#
_entity_poly.entity_id   1
_entity_poly.type   'polypeptide(L)'
_entity_poly.pdbx_seq_one_letter_code
;GPNPYDRKRQDKAPVGLKNVGNTCWFSAVIQSLFNLLEFRRLVLNYKPPSNAQDLPRNQKEHRNLPFMRELRYLFALLVG
TKRKYVDPSRAVEILKDAFKSNDSQQQDVSEFTHKLLDWLEDAFQMKAEEETDEEKPKNPMVELFYGRFLAVGVLEGKKF
ENTEMFGQYPLQVNGFKDLHECLEAAMIEGEIESLHSENSGKSGQEHWFTELPPVLTFELSRFEFNQALGRPEKIHNKLE
FPQVLYLDRYMHRNREITRIKREEIKRLKDYLTVLQQRLERYLSYGSGPKRFPLVDVLQYALEFASSKPVCTSPVDDIDA
SSPPSGSIPSQTLPSTTEQQGALSSELPSTSPSSVAAISSRSVIHKPFTQSRIPPDLPMHPAPRHITEEELSVLESCLHR
WRTEIENDTRDLQESISRIHRTIELMYSDKSMIQVPYRLHAVLVHEGQANAGHYWAYIFDHRESRWMKYNDIAVTKSSWE
ELVRDSFGGYRNASAYCLMYINDKAQFLIQEEFNKETGQPLVGIETLPPDLRDFVEEDNQRFEKELEEWDAQ
;
_entity_poly.pdbx_strand_id   A,B
#
loop_
_chem_comp.id
_chem_comp.type
_chem_comp.name
_chem_comp.formula
CL non-polymer 'CHLORIDE ION' 'Cl -1'
#
# COMPACT_ATOMS: atom_id res chain seq x y z
N GLY A 1 -31.39 2.87 -41.52
CA GLY A 1 -32.43 3.69 -40.90
C GLY A 1 -33.79 3.01 -40.81
N PRO A 2 -34.56 2.95 -41.92
CA PRO A 2 -35.89 2.30 -41.86
C PRO A 2 -35.81 0.77 -41.79
N ASN A 3 -34.75 0.17 -42.38
CA ASN A 3 -34.46 -1.26 -42.42
C ASN A 3 -34.24 -1.79 -40.98
N PRO A 4 -34.99 -2.83 -40.56
CA PRO A 4 -34.86 -3.33 -39.17
C PRO A 4 -33.57 -4.09 -38.85
N TYR A 5 -32.78 -4.48 -39.86
CA TYR A 5 -31.51 -5.16 -39.58
C TYR A 5 -30.51 -4.15 -39.05
N ASP A 6 -30.72 -2.85 -39.36
CA ASP A 6 -29.91 -1.72 -38.90
C ASP A 6 -30.01 -1.56 -37.37
N ARG A 7 -31.21 -1.79 -36.83
CA ARG A 7 -31.50 -1.69 -35.40
C ARG A 7 -31.59 -3.12 -34.78
N LYS A 8 -30.69 -4.03 -35.24
CA LYS A 8 -30.59 -5.40 -34.72
C LYS A 8 -29.40 -5.49 -33.78
N ARG A 9 -29.63 -5.97 -32.55
CA ARG A 9 -28.57 -6.08 -31.56
C ARG A 9 -27.60 -7.19 -31.89
N GLN A 10 -26.34 -6.79 -32.15
CA GLN A 10 -25.24 -7.70 -32.38
C GLN A 10 -24.87 -8.21 -30.99
N ASP A 11 -25.27 -9.46 -30.69
CA ASP A 11 -25.11 -10.09 -29.39
C ASP A 11 -23.67 -10.02 -28.83
N LYS A 12 -23.61 -9.95 -27.48
CA LYS A 12 -22.46 -9.82 -26.57
C LYS A 12 -22.18 -8.33 -26.23
N ALA A 13 -23.04 -7.38 -26.71
CA ALA A 13 -22.90 -5.93 -26.45
C ALA A 13 -24.16 -5.35 -25.75
N PRO A 14 -24.03 -4.30 -24.89
CA PRO A 14 -25.21 -3.73 -24.22
C PRO A 14 -26.10 -2.92 -25.16
N VAL A 15 -27.40 -2.79 -24.78
CA VAL A 15 -28.47 -2.11 -25.53
C VAL A 15 -28.41 -0.59 -25.30
N GLY A 16 -28.55 0.18 -26.38
CA GLY A 16 -28.58 1.63 -26.33
C GLY A 16 -29.97 2.19 -26.06
N LEU A 17 -30.09 3.53 -26.01
CA LEU A 17 -31.35 4.25 -25.78
C LEU A 17 -31.56 5.37 -26.83
N LYS A 18 -32.77 5.49 -27.42
CA LYS A 18 -33.12 6.52 -28.42
C LYS A 18 -32.97 7.96 -27.83
N ASN A 19 -32.67 8.98 -28.68
CA ASN A 19 -32.48 10.33 -28.19
C ASN A 19 -33.78 11.10 -27.86
N VAL A 20 -34.95 10.72 -28.45
CA VAL A 20 -36.29 11.30 -28.17
C VAL A 20 -36.29 12.88 -27.98
N GLY A 21 -35.51 13.66 -28.72
CA GLY A 21 -35.53 15.10 -28.51
C GLY A 21 -34.83 15.60 -27.24
N ASN A 22 -33.51 15.66 -27.36
CA ASN A 22 -32.46 16.10 -26.45
C ASN A 22 -32.57 15.47 -25.07
N THR A 23 -32.64 14.11 -25.03
CA THR A 23 -32.72 13.35 -23.80
C THR A 23 -31.44 12.54 -23.57
N CYS A 24 -30.29 13.08 -23.98
CA CYS A 24 -29.00 12.42 -23.80
C CYS A 24 -28.67 12.34 -22.32
N TRP A 25 -29.13 13.34 -21.53
CA TRP A 25 -28.95 13.42 -20.08
C TRP A 25 -29.66 12.24 -19.42
N PHE A 26 -30.81 11.83 -19.98
CA PHE A 26 -31.61 10.73 -19.47
C PHE A 26 -30.88 9.41 -19.68
N SER A 27 -30.30 9.21 -20.88
CA SER A 27 -29.55 8.02 -21.26
C SER A 27 -28.43 7.79 -20.27
N ALA A 28 -27.61 8.82 -20.06
CA ALA A 28 -26.46 8.81 -19.17
C ALA A 28 -26.88 8.40 -17.77
N VAL A 29 -27.80 9.14 -17.12
CA VAL A 29 -28.25 8.85 -15.73
C VAL A 29 -28.84 7.41 -15.65
N ILE A 30 -29.70 7.00 -16.61
CA ILE A 30 -30.36 5.69 -16.64
C ILE A 30 -29.34 4.57 -16.81
N GLN A 31 -28.53 4.62 -17.90
CA GLN A 31 -27.52 3.60 -18.21
C GLN A 31 -26.56 3.41 -17.03
N SER A 32 -26.28 4.50 -16.28
CA SER A 32 -25.42 4.52 -15.09
C SER A 32 -26.07 3.68 -14.00
N LEU A 33 -27.36 3.95 -13.73
CA LEU A 33 -28.16 3.22 -12.73
C LEU A 33 -28.31 1.76 -13.12
N PHE A 34 -28.70 1.52 -14.38
CA PHE A 34 -28.89 0.20 -14.91
C PHE A 34 -27.61 -0.65 -14.76
N ASN A 35 -26.42 -0.08 -15.02
CA ASN A 35 -25.17 -0.82 -14.90
C ASN A 35 -24.74 -1.04 -13.43
N LEU A 36 -25.55 -0.56 -12.47
CA LEU A 36 -25.36 -0.81 -11.03
C LEU A 36 -26.32 -1.96 -10.65
N LEU A 37 -25.89 -3.20 -10.94
CA LEU A 37 -26.60 -4.49 -10.80
C LEU A 37 -27.61 -4.56 -9.63
N GLU A 38 -27.18 -4.25 -8.38
CA GLU A 38 -28.10 -4.28 -7.22
C GLU A 38 -29.32 -3.39 -7.46
N PHE A 39 -29.11 -2.16 -7.98
CA PHE A 39 -30.21 -1.24 -8.31
C PHE A 39 -31.08 -1.80 -9.44
N ARG A 40 -30.42 -2.44 -10.45
CA ARG A 40 -31.11 -3.08 -11.56
C ARG A 40 -32.04 -4.14 -11.00
N ARG A 41 -31.58 -4.90 -10.00
CA ARG A 41 -32.37 -5.94 -9.35
C ARG A 41 -33.53 -5.35 -8.56
N LEU A 42 -33.32 -4.18 -7.90
CA LEU A 42 -34.34 -3.50 -7.09
C LEU A 42 -35.50 -3.01 -7.95
N VAL A 43 -35.17 -2.43 -9.13
CA VAL A 43 -36.16 -1.94 -10.10
C VAL A 43 -36.88 -3.14 -10.75
N LEU A 44 -36.12 -4.18 -11.17
CA LEU A 44 -36.69 -5.37 -11.80
C LEU A 44 -37.62 -6.12 -10.83
N ASN A 45 -37.15 -6.46 -9.61
CA ASN A 45 -37.99 -7.15 -8.64
C ASN A 45 -38.81 -6.16 -7.82
N TYR A 46 -39.46 -5.20 -8.50
CA TYR A 46 -40.31 -4.22 -7.83
C TYR A 46 -41.80 -4.56 -8.04
N LYS A 47 -42.55 -4.56 -6.94
CA LYS A 47 -43.99 -4.77 -6.88
C LYS A 47 -44.58 -3.59 -6.07
N PRO A 48 -45.52 -2.80 -6.64
CA PRO A 48 -46.05 -1.64 -5.92
C PRO A 48 -46.95 -1.99 -4.73
N PRO A 49 -47.29 -1.02 -3.82
CA PRO A 49 -48.15 -1.35 -2.66
C PRO A 49 -49.50 -1.96 -3.02
N SER A 50 -50.04 -2.75 -2.10
CA SER A 50 -51.33 -3.44 -2.26
C SER A 50 -52.46 -2.44 -2.51
N ASN A 51 -52.81 -1.61 -1.49
CA ASN A 51 -53.89 -0.62 -1.59
C ASN A 51 -53.32 0.81 -1.74
N ALA A 52 -53.26 1.29 -3.00
CA ALA A 52 -52.76 2.62 -3.39
C ALA A 52 -53.40 3.07 -4.71
N GLU A 61 -47.89 11.31 -4.93
CA GLU A 61 -47.80 11.71 -6.34
C GLU A 61 -48.54 10.71 -7.25
N HIS A 62 -49.23 11.24 -8.30
CA HIS A 62 -49.97 10.43 -9.28
C HIS A 62 -49.05 10.02 -10.45
N ARG A 63 -47.80 10.52 -10.45
CA ARG A 63 -46.79 10.32 -11.49
C ARG A 63 -45.63 9.42 -11.08
N ASN A 64 -45.39 9.19 -9.76
CA ASN A 64 -44.21 8.42 -9.39
C ASN A 64 -44.33 6.91 -9.68
N LEU A 65 -45.45 6.27 -9.26
CA LEU A 65 -45.66 4.84 -9.47
C LEU A 65 -45.80 4.49 -10.98
N PRO A 66 -46.52 5.25 -11.86
CA PRO A 66 -46.51 4.92 -13.29
C PRO A 66 -45.11 5.05 -13.91
N PHE A 67 -44.32 6.05 -13.45
CA PHE A 67 -42.94 6.23 -13.91
C PHE A 67 -42.08 5.00 -13.54
N MET A 68 -42.21 4.49 -12.30
CA MET A 68 -41.48 3.31 -11.81
C MET A 68 -41.82 2.09 -12.67
N ARG A 69 -43.10 1.95 -13.04
CA ARG A 69 -43.57 0.85 -13.87
C ARG A 69 -42.98 0.98 -15.28
N GLU A 70 -43.08 2.20 -15.84
CA GLU A 70 -42.55 2.46 -17.18
C GLU A 70 -41.05 2.23 -17.24
N LEU A 71 -40.34 2.55 -16.15
CA LEU A 71 -38.91 2.31 -16.03
C LEU A 71 -38.65 0.81 -15.78
N ARG A 72 -39.63 0.07 -15.17
CA ARG A 72 -39.48 -1.38 -15.01
C ARG A 72 -39.38 -2.02 -16.42
N TYR A 73 -40.29 -1.62 -17.34
CA TYR A 73 -40.31 -2.05 -18.75
C TYR A 73 -38.99 -1.72 -19.44
N LEU A 74 -38.54 -0.45 -19.34
CA LEU A 74 -37.31 0.07 -19.92
C LEU A 74 -36.10 -0.83 -19.57
N PHE A 75 -35.95 -1.13 -18.28
CA PHE A 75 -34.89 -1.94 -17.69
C PHE A 75 -34.96 -3.38 -18.20
N ALA A 76 -36.19 -3.91 -18.37
CA ALA A 76 -36.46 -5.27 -18.86
C ALA A 76 -35.95 -5.48 -20.28
N LEU A 77 -36.04 -4.44 -21.13
CA LEU A 77 -35.59 -4.48 -22.51
C LEU A 77 -34.08 -4.44 -22.53
N LEU A 78 -33.50 -3.53 -21.74
CA LEU A 78 -32.06 -3.34 -21.63
C LEU A 78 -31.30 -4.62 -21.28
N VAL A 79 -31.97 -5.59 -20.63
CA VAL A 79 -31.34 -6.86 -20.27
C VAL A 79 -31.43 -7.87 -21.41
N GLY A 80 -32.63 -8.11 -21.95
CA GLY A 80 -32.80 -9.14 -22.97
C GLY A 80 -33.42 -8.86 -24.32
N THR A 81 -33.54 -7.58 -24.74
CA THR A 81 -34.14 -7.33 -26.06
C THR A 81 -33.17 -7.69 -27.19
N LYS A 82 -33.74 -8.12 -28.33
CA LYS A 82 -33.01 -8.47 -29.54
C LYS A 82 -32.66 -7.19 -30.36
N ARG A 83 -33.26 -6.03 -30.03
CA ARG A 83 -33.03 -4.77 -30.76
C ARG A 83 -31.73 -4.10 -30.30
N LYS A 84 -31.10 -3.28 -31.19
CA LYS A 84 -29.85 -2.53 -30.95
C LYS A 84 -30.02 -1.55 -29.82
N TYR A 85 -30.97 -0.63 -29.97
CA TYR A 85 -31.27 0.38 -28.95
C TYR A 85 -32.75 0.25 -28.60
N VAL A 86 -33.24 1.05 -27.62
CA VAL A 86 -34.63 0.97 -27.19
C VAL A 86 -35.20 2.40 -26.98
N ASP A 87 -36.51 2.61 -27.28
CA ASP A 87 -37.20 3.93 -27.25
C ASP A 87 -37.69 4.32 -25.82
N PRO A 88 -36.99 5.25 -25.11
CA PRO A 88 -37.41 5.61 -23.74
C PRO A 88 -38.57 6.64 -23.69
N SER A 89 -39.33 6.75 -24.80
CA SER A 89 -40.39 7.73 -25.01
C SER A 89 -41.46 7.73 -23.92
N ARG A 90 -42.02 6.54 -23.55
CA ARG A 90 -43.08 6.50 -22.54
C ARG A 90 -42.59 6.92 -21.13
N ALA A 91 -41.35 6.54 -20.72
CA ALA A 91 -40.77 6.93 -19.42
C ALA A 91 -40.48 8.43 -19.36
N VAL A 92 -39.88 9.00 -20.44
CA VAL A 92 -39.52 10.41 -20.60
C VAL A 92 -40.80 11.29 -20.59
N GLU A 93 -41.88 10.83 -21.27
CA GLU A 93 -43.16 11.57 -21.38
C GLU A 93 -43.82 11.85 -20.03
N ILE A 94 -43.77 10.89 -19.07
CA ILE A 94 -44.34 11.04 -17.71
C ILE A 94 -43.53 12.12 -16.97
N LEU A 95 -42.20 12.01 -17.07
CA LEU A 95 -41.25 12.91 -16.45
C LEU A 95 -41.38 14.34 -17.01
N LYS A 96 -41.51 14.48 -18.33
CA LYS A 96 -41.66 15.77 -19.01
C LYS A 96 -43.00 16.41 -18.69
N ASP A 97 -44.05 15.60 -18.45
CA ASP A 97 -45.40 16.08 -18.15
C ASP A 97 -45.48 16.78 -16.77
N ALA A 98 -44.54 16.47 -15.84
CA ALA A 98 -44.49 17.08 -14.51
C ALA A 98 -44.08 18.58 -14.58
N PHE A 99 -43.57 19.03 -15.74
CA PHE A 99 -43.10 20.39 -16.00
C PHE A 99 -43.93 21.07 -17.12
N LYS A 100 -45.10 20.50 -17.49
CA LYS A 100 -46.01 21.04 -18.52
C LYS A 100 -46.61 22.39 -18.08
N SER A 101 -46.49 22.71 -16.78
CA SER A 101 -46.94 23.96 -16.13
C SER A 101 -46.02 25.12 -16.53
N ASN A 102 -46.61 26.17 -17.15
CA ASN A 102 -45.94 27.38 -17.63
C ASN A 102 -45.35 28.27 -16.50
N ASP A 103 -45.99 28.29 -15.30
CA ASP A 103 -45.61 29.13 -14.14
C ASP A 103 -44.57 28.50 -13.17
N SER A 104 -43.70 27.59 -13.68
CA SER A 104 -42.63 26.90 -12.91
C SER A 104 -41.49 27.87 -12.44
N GLN A 105 -40.50 27.35 -11.65
CA GLN A 105 -39.34 28.12 -11.14
C GLN A 105 -38.25 28.26 -12.23
N GLN A 106 -37.72 27.10 -12.72
CA GLN A 106 -36.71 26.94 -13.78
C GLN A 106 -36.55 25.43 -14.10
N GLN A 107 -36.58 25.08 -15.41
CA GLN A 107 -36.50 23.69 -15.87
C GLN A 107 -35.18 23.35 -16.61
N ASP A 108 -34.17 22.97 -15.85
CA ASP A 108 -32.91 22.47 -16.41
C ASP A 108 -32.89 20.95 -16.24
N VAL A 109 -31.89 20.26 -16.83
CA VAL A 109 -31.76 18.79 -16.76
C VAL A 109 -31.55 18.27 -15.33
N SER A 110 -31.00 19.11 -14.43
CA SER A 110 -30.78 18.71 -13.02
C SER A 110 -32.12 18.59 -12.30
N GLU A 111 -33.07 19.49 -12.59
CA GLU A 111 -34.41 19.51 -12.02
C GLU A 111 -35.15 18.25 -12.45
N PHE A 112 -34.94 17.85 -13.72
CA PHE A 112 -35.47 16.62 -14.29
C PHE A 112 -34.86 15.39 -13.62
N THR A 113 -33.53 15.37 -13.47
CA THR A 113 -32.80 14.27 -12.85
C THR A 113 -33.25 14.12 -11.39
N HIS A 114 -33.40 15.25 -10.69
CA HIS A 114 -33.82 15.28 -9.31
C HIS A 114 -35.21 14.64 -9.16
N LYS A 115 -36.22 15.08 -9.97
CA LYS A 115 -37.60 14.55 -9.91
C LYS A 115 -37.60 13.05 -10.16
N LEU A 116 -36.85 12.62 -11.17
CA LEU A 116 -36.67 11.22 -11.56
C LEU A 116 -36.38 10.38 -10.29
N LEU A 117 -35.29 10.77 -9.57
CA LEU A 117 -34.79 10.12 -8.36
C LEU A 117 -35.79 10.26 -7.22
N ASP A 118 -36.47 11.42 -7.11
CA ASP A 118 -37.54 11.69 -6.13
C ASP A 118 -38.57 10.56 -6.18
N TRP A 119 -39.17 10.39 -7.37
CA TRP A 119 -40.18 9.42 -7.75
C TRP A 119 -39.76 7.99 -7.44
N LEU A 120 -38.51 7.62 -7.79
CA LEU A 120 -37.96 6.29 -7.53
C LEU A 120 -37.86 6.05 -6.01
N GLU A 121 -37.32 7.04 -5.25
CA GLU A 121 -37.20 6.96 -3.78
C GLU A 121 -38.56 6.83 -3.13
N ASP A 122 -39.55 7.62 -3.60
CA ASP A 122 -40.94 7.61 -3.15
C ASP A 122 -41.60 6.28 -3.45
N ALA A 123 -41.30 5.68 -4.61
CA ALA A 123 -41.82 4.37 -5.03
C ALA A 123 -41.35 3.29 -4.06
N PHE A 124 -40.03 3.26 -3.78
CA PHE A 124 -39.41 2.31 -2.84
C PHE A 124 -39.86 2.56 -1.39
N GLN A 125 -40.17 3.84 -1.05
CA GLN A 125 -40.67 4.24 0.28
C GLN A 125 -42.05 3.63 0.54
N MET A 126 -42.95 3.68 -0.46
CA MET A 126 -44.31 3.15 -0.41
C MET A 126 -44.25 1.63 -0.23
N LYS A 127 -43.33 0.96 -0.97
CA LYS A 127 -43.10 -0.51 -0.91
C LYS A 127 -42.61 -0.92 0.49
N ALA A 128 -41.77 -0.07 1.15
CA ALA A 128 -41.23 -0.33 2.48
C ALA A 128 -42.33 -0.32 3.58
N GLU A 129 -43.63 -0.29 3.18
CA GLU A 129 -44.79 -0.32 4.10
C GLU A 129 -46.04 -0.95 3.41
N PRO A 137 -38.14 1.07 8.95
CA PRO A 137 -38.17 0.63 7.55
C PRO A 137 -36.96 1.16 6.77
N LYS A 138 -36.27 0.26 6.04
CA LYS A 138 -35.08 0.63 5.25
C LYS A 138 -35.46 0.87 3.81
N ASN A 139 -35.07 2.04 3.25
CA ASN A 139 -35.32 2.37 1.84
C ASN A 139 -34.08 1.89 1.06
N PRO A 140 -34.17 0.75 0.30
CA PRO A 140 -32.98 0.19 -0.34
C PRO A 140 -32.26 1.14 -1.28
N MET A 141 -32.99 2.08 -1.90
CA MET A 141 -32.38 3.11 -2.76
C MET A 141 -31.54 4.11 -1.90
N VAL A 142 -32.20 4.74 -0.90
CA VAL A 142 -31.61 5.71 0.05
C VAL A 142 -30.40 5.07 0.76
N GLU A 143 -30.45 3.73 0.95
CA GLU A 143 -29.37 2.96 1.59
C GLU A 143 -28.11 2.88 0.72
N LEU A 144 -28.26 2.98 -0.62
CA LEU A 144 -27.15 2.89 -1.56
C LEU A 144 -26.42 4.22 -1.80
N PHE A 145 -27.19 5.34 -1.80
CA PHE A 145 -26.70 6.64 -2.27
C PHE A 145 -26.40 7.70 -1.23
N TYR A 146 -27.03 7.64 -0.09
CA TYR A 146 -26.85 8.67 0.90
C TYR A 146 -25.94 8.23 2.04
N GLY A 147 -25.17 9.19 2.54
CA GLY A 147 -24.24 9.01 3.65
C GLY A 147 -24.35 10.14 4.66
N ARG A 148 -23.35 10.23 5.55
CA ARG A 148 -23.26 11.27 6.59
C ARG A 148 -21.81 11.72 6.80
N PHE A 149 -21.64 13.03 6.99
CA PHE A 149 -20.36 13.66 7.33
C PHE A 149 -20.59 14.57 8.54
N LEU A 150 -19.52 14.83 9.30
CA LEU A 150 -19.56 15.73 10.46
C LEU A 150 -18.94 17.06 10.07
N ALA A 151 -19.64 18.16 10.38
CA ALA A 151 -19.23 19.54 10.11
C ALA A 151 -18.92 20.21 11.45
N VAL A 152 -17.63 20.41 11.73
CA VAL A 152 -17.18 21.01 12.96
C VAL A 152 -16.47 22.35 12.62
N GLY A 153 -16.83 23.41 13.33
CA GLY A 153 -16.26 24.71 13.05
C GLY A 153 -16.55 25.79 14.07
N VAL A 154 -16.23 27.02 13.68
CA VAL A 154 -16.39 28.25 14.43
C VAL A 154 -16.98 29.30 13.54
N LEU A 155 -17.69 30.25 14.13
CA LEU A 155 -18.27 31.36 13.41
C LEU A 155 -17.98 32.61 14.23
N GLU A 156 -16.82 33.22 13.95
CA GLU A 156 -16.28 34.37 14.67
C GLU A 156 -16.26 34.01 16.15
N GLY A 157 -15.43 33.02 16.42
CA GLY A 157 -15.09 32.49 17.75
C GLY A 157 -16.03 31.48 18.36
N LYS A 158 -17.34 31.51 17.96
CA LYS A 158 -18.38 30.65 18.51
C LYS A 158 -18.45 29.30 17.77
N LYS A 159 -18.26 28.19 18.53
CA LYS A 159 -18.24 26.81 18.02
C LYS A 159 -19.60 26.28 17.57
N PHE A 160 -19.58 25.29 16.68
CA PHE A 160 -20.75 24.55 16.19
C PHE A 160 -20.30 23.12 15.75
N GLU A 161 -21.22 22.16 15.81
CA GLU A 161 -20.97 20.77 15.41
C GLU A 161 -22.26 20.13 14.87
N ASN A 162 -22.30 19.82 13.56
CA ASN A 162 -23.48 19.21 12.91
C ASN A 162 -23.10 17.97 12.11
N THR A 163 -23.95 16.94 12.16
CA THR A 163 -23.75 15.75 11.33
C THR A 163 -24.82 15.82 10.26
N GLU A 164 -24.39 16.21 9.05
CA GLU A 164 -25.25 16.36 7.88
C GLU A 164 -25.34 15.08 7.06
N MET A 165 -26.56 14.77 6.60
CA MET A 165 -26.77 13.71 5.63
C MET A 165 -26.40 14.25 4.24
N PHE A 166 -25.73 13.46 3.42
CA PHE A 166 -25.37 13.90 2.09
C PHE A 166 -25.69 12.80 1.06
N GLY A 167 -25.76 13.18 -0.18
CA GLY A 167 -25.97 12.28 -1.29
C GLY A 167 -24.76 12.40 -2.19
N GLN A 168 -24.87 13.31 -3.17
CA GLN A 168 -23.76 13.62 -4.04
C GLN A 168 -23.01 14.73 -3.38
N TYR A 169 -21.71 14.55 -3.20
CA TYR A 169 -20.85 15.55 -2.59
C TYR A 169 -20.40 16.47 -3.73
N PRO A 170 -20.79 17.79 -3.70
CA PRO A 170 -20.44 18.68 -4.82
C PRO A 170 -19.07 19.33 -4.63
N LEU A 171 -18.28 19.32 -5.72
CA LEU A 171 -16.93 19.87 -5.79
C LEU A 171 -16.81 20.99 -6.84
N GLN A 172 -16.00 22.02 -6.55
CA GLN A 172 -15.69 23.12 -7.45
C GLN A 172 -14.38 22.78 -8.08
N VAL A 173 -14.32 22.73 -9.42
CA VAL A 173 -13.09 22.33 -10.11
C VAL A 173 -11.98 23.40 -9.95
N ASN A 174 -12.30 24.72 -10.04
CA ASN A 174 -11.34 25.83 -9.86
C ASN A 174 -10.06 25.53 -10.61
N GLY A 175 -8.93 25.78 -9.97
CA GLY A 175 -7.63 25.55 -10.51
C GLY A 175 -7.00 24.37 -9.82
N PHE A 176 -7.80 23.36 -9.46
CA PHE A 176 -7.28 22.18 -8.81
C PHE A 176 -6.74 21.21 -9.83
N LYS A 177 -5.62 20.50 -9.50
CA LYS A 177 -4.92 19.59 -10.41
C LYS A 177 -5.58 18.18 -10.44
N ASP A 178 -6.17 17.74 -9.30
CA ASP A 178 -6.80 16.44 -9.19
C ASP A 178 -7.94 16.44 -8.16
N LEU A 179 -8.63 15.28 -8.07
CA LEU A 179 -9.77 15.00 -7.19
C LEU A 179 -9.42 15.15 -5.73
N HIS A 180 -8.21 14.75 -5.31
CA HIS A 180 -7.89 14.88 -3.88
C HIS A 180 -7.76 16.35 -3.49
N GLU A 181 -7.12 17.17 -4.36
CA GLU A 181 -6.93 18.62 -4.20
C GLU A 181 -8.27 19.32 -4.05
N CYS A 182 -9.15 18.93 -4.97
CA CYS A 182 -10.53 19.32 -5.17
C CYS A 182 -11.41 19.04 -3.93
N LEU A 183 -11.38 17.78 -3.42
CA LEU A 183 -12.12 17.27 -2.27
C LEU A 183 -11.63 17.90 -0.98
N GLU A 184 -10.30 18.00 -0.78
CA GLU A 184 -9.73 18.60 0.42
C GLU A 184 -10.21 20.04 0.54
N ALA A 185 -10.16 20.83 -0.56
CA ALA A 185 -10.58 22.23 -0.57
C ALA A 185 -12.04 22.41 -0.21
N ALA A 186 -12.85 21.38 -0.44
CA ALA A 186 -14.28 21.35 -0.15
C ALA A 186 -14.59 20.91 1.27
N MET A 187 -13.67 20.19 1.90
CA MET A 187 -13.86 19.69 3.25
C MET A 187 -13.09 20.55 4.28
N ILE A 188 -12.44 21.64 3.82
CA ILE A 188 -11.72 22.58 4.70
C ILE A 188 -12.12 23.99 4.37
N GLU A 189 -12.10 24.82 5.41
CA GLU A 189 -12.46 26.24 5.44
C GLU A 189 -11.77 26.77 6.71
N GLY A 190 -11.02 27.87 6.61
CA GLY A 190 -10.29 28.45 7.74
C GLY A 190 -9.48 27.47 8.58
N GLU A 191 -9.37 27.73 9.92
CA GLU A 191 -8.61 26.89 10.86
C GLU A 191 -9.44 26.53 12.11
N ILE A 192 -9.37 25.24 12.54
CA ILE A 192 -10.10 24.74 13.72
C ILE A 192 -9.10 24.24 14.78
N GLU A 193 -9.49 24.30 16.06
CA GLU A 193 -8.66 23.88 17.18
C GLU A 193 -9.51 23.34 18.35
N SER A 194 -8.83 22.73 19.33
CA SER A 194 -9.44 22.16 20.53
C SER A 194 -9.94 23.24 21.47
N LEU A 195 -9.09 24.25 21.76
CA LEU A 195 -9.33 25.35 22.71
C LEU A 195 -9.88 26.61 22.05
N HIS A 196 -10.80 27.27 22.78
CA HIS A 196 -11.54 28.47 22.38
C HIS A 196 -10.63 29.65 22.03
N SER A 197 -9.54 29.86 22.81
CA SER A 197 -8.57 30.96 22.62
C SER A 197 -7.87 30.82 21.29
N GLU A 198 -7.50 29.57 20.96
CA GLU A 198 -6.85 29.16 19.71
C GLU A 198 -7.82 29.28 18.52
N ASN A 199 -9.06 29.74 18.77
CA ASN A 199 -10.10 29.89 17.75
C ASN A 199 -10.71 31.30 17.73
N SER A 200 -10.61 32.06 18.86
CA SER A 200 -11.15 33.41 19.06
C SER A 200 -10.87 34.34 17.88
N GLY A 201 -11.93 35.05 17.47
CA GLY A 201 -11.88 35.98 16.35
C GLY A 201 -11.55 35.34 15.02
N LYS A 202 -11.93 34.05 14.84
CA LYS A 202 -11.70 33.27 13.62
C LYS A 202 -12.94 32.51 13.18
N SER A 203 -13.04 32.30 11.88
CA SER A 203 -14.08 31.49 11.25
C SER A 203 -13.39 30.42 10.37
N GLY A 204 -13.84 29.18 10.56
CA GLY A 204 -13.35 28.00 9.87
C GLY A 204 -14.33 26.86 9.95
N GLN A 205 -14.11 25.83 9.15
CA GLN A 205 -14.97 24.65 9.12
C GLN A 205 -14.22 23.45 8.56
N GLU A 206 -14.51 22.27 9.11
CA GLU A 206 -13.93 21.02 8.63
C GLU A 206 -15.04 20.00 8.44
N HIS A 207 -15.02 19.30 7.32
CA HIS A 207 -15.94 18.20 7.07
C HIS A 207 -15.16 16.90 7.19
N TRP A 208 -15.79 15.90 7.79
CA TRP A 208 -15.21 14.58 8.00
C TRP A 208 -16.26 13.52 7.72
N PHE A 209 -15.98 12.55 6.83
CA PHE A 209 -17.01 11.51 6.60
C PHE A 209 -17.18 10.60 7.85
N THR A 210 -18.43 10.34 8.23
CA THR A 210 -18.75 9.49 9.38
C THR A 210 -19.34 8.18 8.83
N GLU A 211 -20.31 8.29 7.92
CA GLU A 211 -20.94 7.18 7.22
C GLU A 211 -20.77 7.38 5.73
N LEU A 212 -20.14 6.41 5.05
CA LEU A 212 -19.97 6.52 3.59
C LEU A 212 -21.03 5.68 2.81
N PRO A 213 -21.62 6.25 1.73
CA PRO A 213 -22.58 5.45 0.94
C PRO A 213 -21.83 4.43 0.07
N PRO A 214 -22.38 3.20 -0.13
CA PRO A 214 -21.65 2.22 -0.97
C PRO A 214 -21.45 2.76 -2.39
N VAL A 215 -22.41 3.59 -2.87
CA VAL A 215 -22.35 4.28 -4.16
C VAL A 215 -22.08 5.76 -3.83
N LEU A 216 -20.80 6.16 -3.99
CA LEU A 216 -20.28 7.48 -3.73
C LEU A 216 -20.17 8.31 -5.03
N THR A 217 -20.87 9.46 -5.08
CA THR A 217 -20.93 10.33 -6.26
C THR A 217 -20.42 11.74 -5.99
N PHE A 218 -19.69 12.27 -6.96
CA PHE A 218 -19.16 13.62 -6.85
C PHE A 218 -19.58 14.45 -8.04
N GLU A 219 -19.93 15.71 -7.79
CA GLU A 219 -20.19 16.65 -8.86
C GLU A 219 -18.92 17.44 -9.09
N LEU A 220 -18.49 17.59 -10.32
CA LEU A 220 -17.31 18.36 -10.69
C LEU A 220 -17.80 19.62 -11.40
N SER A 221 -18.05 20.71 -10.62
CA SER A 221 -18.61 21.97 -11.10
C SER A 221 -17.60 22.86 -11.77
N ARG A 222 -17.72 23.02 -13.09
CA ARG A 222 -16.77 23.87 -13.84
C ARG A 222 -17.37 25.21 -14.22
N PHE A 223 -18.56 25.55 -13.69
CA PHE A 223 -19.15 26.83 -14.04
C PHE A 223 -18.62 27.99 -13.19
N GLU A 224 -17.99 28.94 -13.83
CA GLU A 224 -17.49 30.12 -13.15
C GLU A 224 -17.83 31.34 -14.03
N PHE A 225 -18.28 32.46 -13.42
CA PHE A 225 -18.61 33.70 -14.14
C PHE A 225 -17.39 34.27 -14.85
N ASN A 226 -17.46 34.40 -16.20
CA ASN A 226 -16.37 35.02 -16.96
C ASN A 226 -16.64 36.51 -17.05
N GLN A 227 -15.79 37.34 -16.43
CA GLN A 227 -15.96 38.79 -16.43
C GLN A 227 -15.84 39.39 -17.83
N ALA A 228 -14.86 38.89 -18.61
CA ALA A 228 -14.57 39.36 -19.97
C ALA A 228 -15.75 39.12 -20.91
N LEU A 229 -16.42 37.97 -20.73
CA LEU A 229 -17.55 37.57 -21.54
C LEU A 229 -18.87 38.05 -20.97
N GLY A 230 -18.90 38.31 -19.67
CA GLY A 230 -20.09 38.81 -18.98
C GLY A 230 -21.15 37.77 -18.71
N ARG A 231 -20.76 36.48 -18.63
CA ARG A 231 -21.70 35.38 -18.35
C ARG A 231 -20.95 34.21 -17.73
N PRO A 232 -21.67 33.22 -17.12
CA PRO A 232 -20.98 32.01 -16.60
C PRO A 232 -20.61 31.07 -17.75
N GLU A 233 -19.42 30.47 -17.64
CA GLU A 233 -18.82 29.62 -18.65
C GLU A 233 -18.11 28.44 -17.99
N LYS A 234 -18.05 27.28 -18.67
CA LYS A 234 -17.29 26.12 -18.16
C LYS A 234 -15.79 26.46 -18.22
N ILE A 235 -15.08 26.10 -17.17
CA ILE A 235 -13.64 26.25 -16.97
C ILE A 235 -12.98 25.01 -17.65
N HIS A 236 -11.84 25.18 -18.33
CA HIS A 236 -11.26 24.05 -19.07
C HIS A 236 -9.90 23.53 -18.55
N ASN A 237 -9.62 23.70 -17.26
CA ASN A 237 -8.35 23.17 -16.78
C ASN A 237 -8.47 21.68 -16.54
N LYS A 238 -7.34 20.98 -16.66
CA LYS A 238 -7.28 19.54 -16.50
C LYS A 238 -7.35 19.19 -15.02
N LEU A 239 -8.37 18.37 -14.68
CA LEU A 239 -8.57 17.81 -13.36
C LEU A 239 -8.68 16.30 -13.49
N GLU A 240 -7.66 15.62 -12.98
CA GLU A 240 -7.46 14.18 -12.95
C GLU A 240 -8.24 13.53 -11.84
N PHE A 241 -8.54 12.24 -11.99
CA PHE A 241 -9.21 11.42 -10.98
C PHE A 241 -8.74 9.98 -11.12
N PRO A 242 -8.59 9.22 -10.03
CA PRO A 242 -8.05 7.86 -10.16
C PRO A 242 -9.09 6.81 -10.52
N GLN A 243 -8.62 5.61 -10.89
CA GLN A 243 -9.53 4.48 -11.10
C GLN A 243 -9.93 3.92 -9.71
N VAL A 244 -9.05 4.09 -8.69
CA VAL A 244 -9.33 3.70 -7.31
C VAL A 244 -8.98 4.89 -6.43
N LEU A 245 -9.95 5.33 -5.59
CA LEU A 245 -9.79 6.46 -4.69
C LEU A 245 -9.80 5.97 -3.24
N TYR A 246 -8.81 6.38 -2.44
CA TYR A 246 -8.76 6.00 -1.02
C TYR A 246 -9.30 7.16 -0.14
N LEU A 247 -10.45 6.91 0.48
CA LEU A 247 -11.13 7.93 1.27
C LEU A 247 -10.74 7.96 2.71
N ASP A 248 -9.68 7.23 3.08
CA ASP A 248 -9.15 7.11 4.43
C ASP A 248 -8.87 8.46 5.13
N ARG A 249 -8.13 9.37 4.47
CA ARG A 249 -7.76 10.68 5.03
C ARG A 249 -8.96 11.54 5.39
N TYR A 250 -10.06 11.43 4.63
CA TYR A 250 -11.26 12.25 4.87
C TYR A 250 -12.18 11.66 5.96
N MET A 251 -11.81 10.47 6.52
CA MET A 251 -12.60 9.81 7.57
C MET A 251 -12.45 10.52 8.90
N HIS A 252 -13.55 10.66 9.62
CA HIS A 252 -13.55 11.30 10.92
C HIS A 252 -12.62 10.61 11.93
N ARG A 253 -12.50 9.26 11.84
CA ARG A 253 -11.66 8.43 12.70
C ARG A 253 -10.17 8.71 12.43
N ASN A 254 -9.82 9.10 11.19
CA ASN A 254 -8.48 9.46 10.76
C ASN A 254 -8.24 10.98 10.94
N ARG A 255 -9.19 11.70 11.56
CA ARG A 255 -9.14 13.15 11.82
C ARG A 255 -7.79 13.60 12.42
N GLU A 256 -7.35 13.05 13.56
CA GLU A 256 -6.12 13.53 14.16
C GLU A 256 -4.88 13.25 13.32
N ILE A 257 -4.81 12.11 12.64
CA ILE A 257 -3.64 11.80 11.83
C ILE A 257 -3.60 12.77 10.62
N THR A 258 -4.75 12.94 9.94
CA THR A 258 -4.91 13.80 8.77
C THR A 258 -4.59 15.25 9.15
N ARG A 259 -5.03 15.70 10.34
CA ARG A 259 -4.77 17.06 10.79
C ARG A 259 -3.26 17.35 10.79
N ILE A 260 -2.47 16.44 11.41
CA ILE A 260 -1.02 16.58 11.52
C ILE A 260 -0.38 16.49 10.12
N LYS A 261 -0.80 15.51 9.28
CA LYS A 261 -0.26 15.42 7.93
C LYS A 261 -0.60 16.70 7.14
N ARG A 262 -1.85 17.24 7.29
CA ARG A 262 -2.35 18.49 6.68
C ARG A 262 -1.48 19.67 7.07
N GLU A 263 -1.09 19.73 8.37
CA GLU A 263 -0.22 20.74 8.94
C GLU A 263 1.21 20.61 8.38
N GLU A 264 1.70 19.36 8.19
CA GLU A 264 3.04 19.08 7.65
C GLU A 264 3.10 19.55 6.19
N ILE A 265 2.05 19.28 5.42
CA ILE A 265 1.97 19.72 4.03
C ILE A 265 1.91 21.25 4.01
N LYS A 266 1.25 21.88 5.02
CA LYS A 266 1.19 23.34 5.10
C LYS A 266 2.61 23.90 5.13
N ARG A 267 3.46 23.34 6.01
CA ARG A 267 4.86 23.70 6.22
C ARG A 267 5.67 23.48 4.95
N LEU A 268 5.47 22.33 4.30
CA LEU A 268 6.18 21.94 3.08
C LEU A 268 5.81 22.83 1.90
N LYS A 269 4.51 23.12 1.70
CA LYS A 269 4.03 23.99 0.63
C LYS A 269 4.60 25.40 0.84
N ASP A 270 4.74 25.83 2.13
CA ASP A 270 5.31 27.13 2.49
C ASP A 270 6.72 27.21 1.95
N TYR A 271 7.56 26.20 2.28
CA TYR A 271 8.94 26.06 1.80
C TYR A 271 8.97 26.02 0.25
N LEU A 272 8.06 25.22 -0.34
CA LEU A 272 7.94 25.00 -1.76
C LEU A 272 7.74 26.32 -2.51
N THR A 273 7.03 27.29 -1.89
CA THR A 273 6.76 28.60 -2.49
C THR A 273 8.02 29.42 -2.60
N VAL A 274 8.69 29.68 -1.47
CA VAL A 274 9.94 30.45 -1.36
C VAL A 274 10.94 29.99 -2.44
N LEU A 275 11.04 28.67 -2.66
CA LEU A 275 11.92 28.10 -3.68
C LEU A 275 11.44 28.45 -5.07
N GLN A 276 10.15 28.24 -5.35
CA GLN A 276 9.56 28.54 -6.65
C GLN A 276 9.73 30.02 -6.99
N GLN A 277 9.69 30.90 -5.96
CA GLN A 277 9.86 32.35 -6.09
C GLN A 277 11.31 32.67 -6.49
N ARG A 278 12.28 32.13 -5.73
CA ARG A 278 13.71 32.33 -6.02
C ARG A 278 14.09 31.78 -7.41
N LEU A 279 13.62 30.56 -7.77
CA LEU A 279 13.89 29.93 -9.07
C LEU A 279 13.38 30.80 -10.19
N GLU A 280 12.21 31.42 -10.00
CA GLU A 280 11.61 32.28 -11.00
C GLU A 280 12.47 33.51 -11.26
N ARG A 281 13.17 34.01 -10.22
CA ARG A 281 14.04 35.17 -10.35
C ARG A 281 15.25 34.88 -11.24
N TYR A 282 15.68 33.61 -11.28
CA TYR A 282 16.79 33.09 -12.09
C TYR A 282 16.35 32.91 -13.56
N LEU A 283 15.14 32.36 -13.76
CA LEU A 283 14.56 32.04 -15.06
C LEU A 283 13.96 33.22 -15.77
N SER A 284 13.47 34.22 -15.02
CA SER A 284 12.89 35.46 -15.57
C SER A 284 13.59 36.69 -15.00
N TYR A 285 14.90 36.81 -15.33
CA TYR A 285 15.74 37.90 -14.87
C TYR A 285 15.53 39.20 -15.67
N GLY A 286 15.72 40.33 -15.01
CA GLY A 286 15.61 41.63 -15.66
C GLY A 286 14.71 42.62 -14.94
N SER A 287 14.89 43.91 -15.22
CA SER A 287 14.05 44.93 -14.60
C SER A 287 13.00 45.51 -15.57
N GLY A 288 13.22 45.33 -16.87
CA GLY A 288 12.31 45.84 -17.91
C GLY A 288 11.10 44.97 -18.16
N PRO A 289 10.28 45.32 -19.18
CA PRO A 289 9.04 44.54 -19.42
C PRO A 289 9.30 43.10 -19.90
N LYS A 290 10.41 42.87 -20.62
CA LYS A 290 10.82 41.57 -21.15
C LYS A 290 11.92 40.99 -20.28
N ARG A 291 11.67 39.82 -19.68
CA ARG A 291 12.66 39.13 -18.84
C ARG A 291 13.26 37.93 -19.58
N PHE A 292 14.53 37.63 -19.34
CA PHE A 292 15.18 36.46 -19.97
C PHE A 292 15.91 35.66 -18.91
N PRO A 293 16.30 34.40 -19.16
CA PRO A 293 17.06 33.65 -18.15
C PRO A 293 18.41 34.33 -17.87
N LEU A 294 18.75 34.45 -16.57
CA LEU A 294 19.98 35.06 -16.07
C LEU A 294 21.24 34.42 -16.70
N VAL A 295 21.23 33.09 -16.85
CA VAL A 295 22.35 32.32 -17.38
C VAL A 295 22.68 32.79 -18.82
N ASP A 296 21.66 33.13 -19.62
CA ASP A 296 21.83 33.63 -20.97
C ASP A 296 22.30 35.06 -20.96
N VAL A 297 21.82 35.86 -19.98
CA VAL A 297 22.21 37.26 -19.77
C VAL A 297 23.74 37.32 -19.54
N LEU A 298 24.28 36.39 -18.73
CA LEU A 298 25.71 36.31 -18.43
C LEU A 298 26.49 35.73 -19.58
N GLN A 299 25.99 34.63 -20.17
CA GLN A 299 26.65 33.98 -21.31
C GLN A 299 26.83 34.94 -22.46
N TYR A 300 25.71 35.53 -22.93
CA TYR A 300 25.70 36.46 -24.04
C TYR A 300 26.49 37.75 -23.73
N ALA A 301 26.46 38.23 -22.45
CA ALA A 301 27.27 39.41 -22.09
C ALA A 301 28.76 39.11 -22.31
N LEU A 302 29.19 37.91 -21.90
CA LEU A 302 30.56 37.44 -22.05
C LEU A 302 30.89 37.21 -23.53
N GLU A 303 29.91 36.71 -24.31
CA GLU A 303 30.05 36.52 -25.75
C GLU A 303 30.41 37.86 -26.39
N PHE A 304 29.71 38.92 -25.94
CA PHE A 304 29.94 40.26 -26.41
C PHE A 304 31.33 40.74 -26.06
N ALA A 305 31.74 40.63 -24.78
CA ALA A 305 33.05 41.07 -24.31
C ALA A 305 34.19 40.35 -25.05
N SER A 306 34.09 39.01 -25.20
CA SER A 306 35.10 38.18 -25.89
C SER A 306 35.14 38.39 -27.42
N SER A 307 34.19 39.18 -28.02
CA SER A 307 34.21 39.44 -29.47
C SER A 307 35.37 40.38 -29.82
N LYS A 308 35.97 40.18 -31.01
CA LYS A 308 37.10 41.00 -31.47
C LYS A 308 36.61 42.43 -31.68
N PRO A 309 37.21 43.43 -30.98
CA PRO A 309 36.71 44.81 -31.08
C PRO A 309 36.72 45.41 -32.49
N VAL A 310 35.76 46.31 -32.74
CA VAL A 310 35.54 47.05 -33.99
C VAL A 310 35.44 48.53 -33.61
N CYS A 311 36.44 49.31 -34.00
CA CYS A 311 36.54 50.74 -33.70
C CYS A 311 35.62 51.61 -34.60
N THR A 312 35.14 51.10 -35.75
CA THR A 312 34.29 51.86 -36.68
C THR A 312 32.81 51.66 -36.38
N SER A 313 31.95 52.60 -36.82
CA SER A 313 30.49 52.54 -36.66
C SER A 313 29.87 51.64 -37.73
N PRO A 314 28.73 50.97 -37.46
CA PRO A 314 28.14 50.09 -38.48
C PRO A 314 27.41 50.86 -39.58
N VAL A 315 27.86 52.09 -39.91
CA VAL A 315 27.22 52.86 -40.97
C VAL A 315 28.24 53.40 -41.99
N ASP A 316 27.97 52.93 -43.24
CA ASP A 316 28.49 53.24 -44.58
C ASP A 316 27.21 53.57 -45.40
N ASP A 317 26.85 54.88 -45.48
CA ASP A 317 25.61 55.40 -46.09
C ASP A 317 25.80 55.96 -47.52
N ILE A 318 24.66 56.27 -48.20
CA ILE A 318 24.53 56.82 -49.56
C ILE A 318 25.15 55.86 -50.58
N SER A 359 29.60 14.33 -57.49
CA SER A 359 30.84 13.67 -57.06
C SER A 359 31.81 14.65 -56.39
N SER A 360 32.60 14.16 -55.40
CA SER A 360 33.57 14.94 -54.62
C SER A 360 34.73 14.06 -54.08
N ARG A 361 36.01 14.36 -54.48
CA ARG A 361 37.18 13.64 -53.94
C ARG A 361 37.67 14.35 -52.67
N SER A 362 37.03 13.97 -51.56
CA SER A 362 37.24 14.50 -50.22
C SER A 362 38.61 14.13 -49.66
N VAL A 363 39.22 15.04 -48.87
CA VAL A 363 40.49 14.83 -48.17
C VAL A 363 40.22 14.09 -46.87
N ILE A 364 41.27 13.53 -46.23
CA ILE A 364 41.12 12.84 -44.95
C ILE A 364 40.90 13.86 -43.84
N HIS A 365 39.90 13.62 -42.99
CA HIS A 365 39.60 14.46 -41.84
C HIS A 365 40.13 13.77 -40.60
N LYS A 366 41.00 14.46 -39.82
CA LYS A 366 41.54 13.91 -38.57
C LYS A 366 40.46 13.93 -37.49
N PRO A 367 40.38 12.94 -36.58
CA PRO A 367 39.31 12.96 -35.57
C PRO A 367 39.29 14.22 -34.72
N PHE A 368 38.10 14.57 -34.16
CA PHE A 368 37.82 15.69 -33.25
C PHE A 368 37.98 17.09 -33.91
N THR A 369 38.16 17.15 -35.24
CA THR A 369 38.32 18.42 -35.97
C THR A 369 36.96 18.92 -36.49
N GLN A 370 36.96 20.16 -37.05
CA GLN A 370 35.81 20.86 -37.62
C GLN A 370 36.14 21.38 -39.02
N SER A 371 35.29 21.07 -40.00
CA SER A 371 35.54 21.44 -41.39
C SER A 371 34.85 22.74 -41.79
N ARG A 372 33.53 22.83 -41.61
CA ARG A 372 32.76 23.99 -42.08
C ARG A 372 32.81 25.19 -41.09
N ILE A 373 33.78 25.19 -40.14
CA ILE A 373 34.00 26.22 -39.13
C ILE A 373 34.17 27.65 -39.78
N PRO A 374 33.31 28.62 -39.40
CA PRO A 374 33.31 29.93 -40.07
C PRO A 374 34.54 30.80 -39.82
N PRO A 375 34.83 31.81 -40.68
CA PRO A 375 36.00 32.66 -40.44
C PRO A 375 35.81 33.60 -39.26
N ASP A 376 36.89 33.82 -38.50
CA ASP A 376 36.89 34.68 -37.31
C ASP A 376 37.42 36.08 -37.67
N LEU A 377 36.55 36.88 -38.27
CA LEU A 377 36.90 38.24 -38.62
C LEU A 377 36.01 39.21 -37.83
N PRO A 378 36.50 40.40 -37.45
CA PRO A 378 35.67 41.31 -36.66
C PRO A 378 34.45 41.81 -37.45
N MET A 379 33.29 41.83 -36.77
CA MET A 379 31.98 42.27 -37.26
C MET A 379 31.20 42.92 -36.14
N HIS A 380 30.21 43.72 -36.50
CA HIS A 380 29.32 44.32 -35.52
C HIS A 380 28.23 43.30 -35.08
N PRO A 381 27.72 43.34 -33.82
CA PRO A 381 28.12 44.21 -32.72
C PRO A 381 29.31 43.64 -31.97
N ALA A 382 30.18 44.53 -31.57
CA ALA A 382 31.38 44.17 -30.80
C ALA A 382 31.82 45.38 -29.94
N PRO A 383 32.64 45.21 -28.86
CA PRO A 383 33.15 46.39 -28.15
C PRO A 383 33.96 47.26 -29.13
N ARG A 384 34.03 48.59 -28.92
CA ARG A 384 34.84 49.43 -29.80
C ARG A 384 36.29 49.22 -29.47
N HIS A 385 36.55 49.04 -28.16
CA HIS A 385 37.83 48.78 -27.54
C HIS A 385 37.63 48.12 -26.18
N ILE A 386 38.68 47.43 -25.73
CA ILE A 386 38.76 46.71 -24.47
C ILE A 386 40.24 46.62 -24.08
N THR A 387 40.52 46.47 -22.77
CA THR A 387 41.86 46.28 -22.22
C THR A 387 42.06 44.78 -22.01
N GLU A 388 43.33 44.29 -22.02
CA GLU A 388 43.61 42.89 -21.72
C GLU A 388 43.21 42.59 -20.28
N GLU A 389 43.42 43.59 -19.38
CA GLU A 389 43.04 43.53 -17.97
C GLU A 389 41.52 43.60 -17.84
N GLU A 390 40.84 44.46 -18.64
CA GLU A 390 39.39 44.56 -18.66
C GLU A 390 38.78 43.21 -18.99
N LEU A 391 39.26 42.59 -20.09
CA LEU A 391 38.80 41.28 -20.56
C LEU A 391 39.04 40.20 -19.50
N SER A 392 40.24 40.18 -18.86
CA SER A 392 40.57 39.18 -17.83
C SER A 392 39.62 39.28 -16.62
N VAL A 393 39.19 40.51 -16.25
CA VAL A 393 38.28 40.75 -15.13
C VAL A 393 36.92 40.19 -15.53
N LEU A 394 36.41 40.60 -16.70
CA LEU A 394 35.12 40.16 -17.23
C LEU A 394 35.05 38.65 -17.36
N GLU A 395 36.06 38.04 -18.00
CA GLU A 395 36.15 36.60 -18.21
C GLU A 395 36.07 35.82 -16.89
N SER A 396 36.77 36.28 -15.83
CA SER A 396 36.75 35.61 -14.54
C SER A 396 35.42 35.78 -13.80
N CYS A 397 34.82 36.99 -13.87
CA CYS A 397 33.56 37.34 -13.23
C CYS A 397 32.43 36.53 -13.78
N LEU A 398 32.09 36.82 -15.03
CA LEU A 398 30.97 36.28 -15.78
C LEU A 398 31.06 34.76 -15.89
N HIS A 399 32.27 34.16 -15.88
CA HIS A 399 32.33 32.71 -15.95
C HIS A 399 31.99 32.08 -14.58
N ARG A 400 32.60 32.58 -13.48
CA ARG A 400 32.38 32.06 -12.13
C ARG A 400 30.94 32.28 -11.70
N TRP A 401 30.36 33.44 -12.03
CA TRP A 401 28.98 33.76 -11.71
C TRP A 401 28.02 32.89 -12.49
N ARG A 402 28.39 32.52 -13.74
CA ARG A 402 27.53 31.66 -14.54
C ARG A 402 27.43 30.28 -13.93
N THR A 403 28.57 29.71 -13.47
CA THR A 403 28.62 28.41 -12.80
C THR A 403 27.77 28.48 -11.53
N GLU A 404 27.91 29.56 -10.73
CA GLU A 404 27.13 29.86 -9.52
C GLU A 404 25.62 29.79 -9.85
N ILE A 405 25.19 30.52 -10.89
CA ILE A 405 23.81 30.60 -11.38
C ILE A 405 23.30 29.23 -11.83
N GLU A 406 24.11 28.50 -12.62
CA GLU A 406 23.77 27.18 -13.15
C GLU A 406 23.58 26.17 -12.04
N ASN A 407 24.48 26.20 -11.02
CA ASN A 407 24.43 25.31 -9.85
C ASN A 407 23.21 25.60 -8.99
N ASP A 408 22.86 26.89 -8.81
CA ASP A 408 21.71 27.28 -8.02
C ASP A 408 20.39 26.88 -8.66
N THR A 409 20.26 27.00 -10.01
CA THR A 409 19.02 26.63 -10.69
C THR A 409 18.80 25.11 -10.49
N ARG A 410 19.87 24.30 -10.66
CA ARG A 410 19.88 22.84 -10.48
C ARG A 410 19.52 22.51 -9.05
N ASP A 411 20.16 23.17 -8.06
CA ASP A 411 19.92 22.95 -6.63
C ASP A 411 18.47 23.24 -6.29
N LEU A 412 17.92 24.38 -6.76
CA LEU A 412 16.52 24.77 -6.53
C LEU A 412 15.54 23.74 -7.10
N GLN A 413 15.74 23.34 -8.38
CA GLN A 413 14.91 22.36 -9.09
C GLN A 413 14.90 20.99 -8.39
N GLU A 414 16.07 20.52 -7.86
CA GLU A 414 16.16 19.24 -7.12
C GLU A 414 15.26 19.28 -5.88
N SER A 415 15.43 20.34 -5.06
CA SER A 415 14.70 20.62 -3.84
C SER A 415 13.20 20.74 -4.07
N ILE A 416 12.78 21.35 -5.19
CA ILE A 416 11.38 21.54 -5.48
C ILE A 416 10.75 20.17 -5.74
N SER A 417 11.39 19.36 -6.60
CA SER A 417 10.92 18.01 -6.92
C SER A 417 10.89 17.15 -5.68
N ARG A 418 11.90 17.29 -4.80
CA ARG A 418 12.02 16.56 -3.54
C ARG A 418 10.83 16.86 -2.63
N ILE A 419 10.46 18.14 -2.51
CA ILE A 419 9.31 18.58 -1.69
C ILE A 419 8.02 18.03 -2.33
N HIS A 420 7.90 18.14 -3.67
CA HIS A 420 6.77 17.64 -4.44
C HIS A 420 6.53 16.15 -4.17
N ARG A 421 7.61 15.32 -4.21
CA ARG A 421 7.55 13.86 -3.97
C ARG A 421 7.06 13.57 -2.54
N THR A 422 7.59 14.32 -1.54
CA THR A 422 7.24 14.23 -0.12
C THR A 422 5.73 14.46 0.08
N ILE A 423 5.17 15.49 -0.59
CA ILE A 423 3.75 15.86 -0.54
C ILE A 423 2.89 14.74 -1.18
N GLU A 424 3.30 14.20 -2.34
CA GLU A 424 2.54 13.15 -3.05
C GLU A 424 2.50 11.82 -2.29
N LEU A 425 3.57 11.49 -1.56
CA LEU A 425 3.58 10.27 -0.76
C LEU A 425 3.15 10.54 0.70
N MET A 426 2.44 11.65 0.98
CA MET A 426 2.06 11.92 2.37
C MET A 426 1.07 10.90 2.89
N TYR A 427 0.07 10.51 2.06
CA TYR A 427 -0.97 9.56 2.46
C TYR A 427 -0.82 8.20 1.78
N SER A 428 0.45 7.76 1.60
CA SER A 428 0.81 6.53 0.90
C SER A 428 1.00 5.32 1.84
N ASP A 429 1.13 5.54 3.15
CA ASP A 429 1.37 4.44 4.09
C ASP A 429 0.12 3.55 4.30
N LYS A 430 0.37 2.29 4.79
CA LYS A 430 -0.56 1.17 5.00
C LYS A 430 -1.84 1.51 5.78
N SER A 431 -1.78 2.50 6.69
CA SER A 431 -2.91 2.90 7.50
C SER A 431 -3.80 3.98 6.81
N MET A 432 -3.46 4.36 5.58
CA MET A 432 -4.20 5.38 4.82
C MET A 432 -4.71 4.82 3.49
N ILE A 433 -4.71 3.49 3.37
CA ILE A 433 -5.13 2.84 2.14
C ILE A 433 -6.06 1.65 2.42
N GLN A 434 -6.98 1.81 3.40
CA GLN A 434 -7.94 0.79 3.83
C GLN A 434 -9.42 1.11 3.47
N VAL A 435 -9.69 2.25 2.79
CA VAL A 435 -11.05 2.64 2.35
C VAL A 435 -11.02 2.83 0.82
N PRO A 436 -10.92 1.74 0.03
CA PRO A 436 -10.87 1.90 -1.42
C PRO A 436 -12.25 2.00 -2.07
N TYR A 437 -12.39 2.96 -3.01
CA TYR A 437 -13.61 3.15 -3.82
C TYR A 437 -13.18 3.10 -5.28
N ARG A 438 -13.71 2.11 -6.00
CA ARG A 438 -13.41 1.86 -7.42
C ARG A 438 -14.39 2.64 -8.34
N LEU A 439 -13.86 3.34 -9.36
CA LEU A 439 -14.67 4.11 -10.31
C LEU A 439 -15.54 3.16 -11.14
N HIS A 440 -16.87 3.39 -11.14
CA HIS A 440 -17.81 2.59 -11.90
C HIS A 440 -18.31 3.36 -13.12
N ALA A 441 -18.66 4.67 -12.95
CA ALA A 441 -19.18 5.46 -14.05
C ALA A 441 -18.69 6.89 -14.05
N VAL A 442 -18.63 7.50 -15.26
CA VAL A 442 -18.23 8.89 -15.53
C VAL A 442 -19.27 9.52 -16.46
N LEU A 443 -19.91 10.60 -16.01
CA LEU A 443 -20.89 11.28 -16.85
C LEU A 443 -20.23 12.54 -17.43
N VAL A 444 -20.09 12.57 -18.75
CA VAL A 444 -19.42 13.63 -19.50
C VAL A 444 -20.41 14.63 -20.12
N HIS A 445 -20.03 15.90 -20.19
CA HIS A 445 -20.79 16.94 -20.86
C HIS A 445 -19.85 17.74 -21.80
N GLU A 446 -20.42 18.23 -22.90
CA GLU A 446 -19.75 19.01 -23.90
C GLU A 446 -20.66 20.08 -24.42
N GLY A 447 -20.16 21.29 -24.62
CA GLY A 447 -20.97 22.37 -25.16
C GLY A 447 -21.41 23.44 -24.18
N GLN A 448 -22.43 24.24 -24.59
CA GLN A 448 -23.01 25.34 -23.83
C GLN A 448 -23.61 24.86 -22.53
N ALA A 449 -23.70 25.78 -21.55
CA ALA A 449 -24.41 25.50 -20.33
C ALA A 449 -25.90 25.70 -20.63
N ASN A 450 -26.67 24.69 -20.25
CA ASN A 450 -28.13 24.56 -20.48
C ASN A 450 -28.41 23.93 -21.81
N ALA A 451 -27.34 23.67 -22.58
CA ALA A 451 -27.37 22.97 -23.85
C ALA A 451 -26.32 21.84 -23.81
N GLY A 452 -25.66 21.63 -24.93
CA GLY A 452 -24.63 20.62 -25.07
C GLY A 452 -25.17 19.21 -25.16
N HIS A 453 -24.32 18.23 -24.88
CA HIS A 453 -24.73 16.84 -24.92
C HIS A 453 -23.97 16.07 -23.89
N TYR A 454 -24.66 15.08 -23.31
CA TYR A 454 -24.15 14.19 -22.29
C TYR A 454 -23.98 12.78 -22.84
N TRP A 455 -22.93 12.12 -22.40
CA TRP A 455 -22.70 10.72 -22.69
C TRP A 455 -22.01 10.15 -21.47
N ALA A 456 -21.79 8.82 -21.41
CA ALA A 456 -21.17 8.24 -20.21
C ALA A 456 -20.15 7.17 -20.54
N TYR A 457 -19.25 6.95 -19.60
CA TYR A 457 -18.24 5.91 -19.62
C TYR A 457 -18.56 5.01 -18.46
N ILE A 458 -18.99 3.79 -18.75
CA ILE A 458 -19.37 2.89 -17.66
C ILE A 458 -18.60 1.62 -17.76
N PHE A 459 -18.14 1.13 -16.62
CA PHE A 459 -17.33 -0.06 -16.50
C PHE A 459 -18.16 -1.33 -16.46
N ASP A 460 -17.78 -2.31 -17.31
CA ASP A 460 -18.40 -3.63 -17.40
C ASP A 460 -17.58 -4.62 -16.54
N HIS A 461 -17.81 -4.57 -15.22
CA HIS A 461 -17.16 -5.32 -14.13
C HIS A 461 -16.93 -6.81 -14.39
N ARG A 462 -17.84 -7.51 -15.11
CA ARG A 462 -17.68 -8.93 -15.38
C ARG A 462 -16.65 -9.22 -16.46
N GLU A 463 -16.64 -8.41 -17.54
CA GLU A 463 -15.71 -8.57 -18.67
C GLU A 463 -14.50 -7.63 -18.52
N SER A 464 -14.43 -6.89 -17.37
CA SER A 464 -13.37 -5.98 -16.95
C SER A 464 -12.90 -5.07 -18.14
N ARG A 465 -13.83 -4.21 -18.59
CA ARG A 465 -13.67 -3.33 -19.75
C ARG A 465 -14.54 -2.07 -19.64
N TRP A 466 -13.98 -0.91 -20.04
CA TRP A 466 -14.68 0.37 -20.07
C TRP A 466 -15.57 0.43 -21.32
N MET A 467 -16.78 1.03 -21.20
CA MET A 467 -17.72 1.14 -22.31
C MET A 467 -18.23 2.57 -22.48
N LYS A 468 -18.34 3.05 -23.74
CA LYS A 468 -18.83 4.39 -24.07
C LYS A 468 -20.32 4.29 -24.42
N TYR A 469 -21.17 4.83 -23.54
CA TYR A 469 -22.63 4.87 -23.70
C TYR A 469 -23.07 6.23 -24.26
N ASN A 470 -23.26 6.29 -25.58
CA ASN A 470 -23.67 7.53 -26.23
C ASN A 470 -24.94 7.27 -27.05
N ASP A 471 -26.10 7.37 -26.37
CA ASP A 471 -27.46 7.15 -26.90
C ASP A 471 -27.58 5.76 -27.55
N ILE A 472 -27.97 5.70 -28.83
CA ILE A 472 -28.12 4.48 -29.62
C ILE A 472 -26.80 3.64 -29.60
N ALA A 473 -25.64 4.35 -29.53
CA ALA A 473 -24.28 3.85 -29.65
C ALA A 473 -23.62 3.45 -28.32
N VAL A 474 -23.43 2.13 -28.15
CA VAL A 474 -22.74 1.55 -26.99
C VAL A 474 -21.51 0.82 -27.57
N THR A 475 -20.32 1.45 -27.43
CA THR A 475 -19.04 0.98 -27.98
C THR A 475 -17.99 0.62 -26.89
N LYS A 476 -17.18 -0.42 -27.15
CA LYS A 476 -16.12 -0.87 -26.25
C LYS A 476 -14.98 0.18 -26.23
N SER A 477 -14.85 0.91 -25.13
CA SER A 477 -13.84 1.97 -24.99
C SER A 477 -12.60 1.49 -24.18
N SER A 478 -11.85 2.47 -23.64
CA SER A 478 -10.64 2.30 -22.83
C SER A 478 -10.52 3.42 -21.80
N TRP A 479 -9.60 3.26 -20.83
CA TRP A 479 -9.32 4.27 -19.82
C TRP A 479 -8.72 5.50 -20.51
N GLU A 480 -7.92 5.25 -21.54
CA GLU A 480 -7.26 6.25 -22.37
C GLU A 480 -8.29 7.12 -23.05
N GLU A 481 -9.42 6.52 -23.50
CA GLU A 481 -10.51 7.25 -24.16
C GLU A 481 -11.18 8.13 -23.13
N LEU A 482 -11.56 7.52 -21.99
CA LEU A 482 -12.21 8.15 -20.85
C LEU A 482 -11.46 9.44 -20.45
N VAL A 483 -10.11 9.35 -20.25
CA VAL A 483 -9.27 10.47 -19.81
C VAL A 483 -9.34 11.65 -20.80
N ARG A 484 -9.21 11.38 -22.12
CA ARG A 484 -9.24 12.43 -23.14
C ARG A 484 -10.57 13.21 -23.08
N ASP A 485 -11.67 12.49 -22.85
CA ASP A 485 -13.00 13.05 -22.81
C ASP A 485 -13.42 13.60 -21.43
N SER A 486 -12.78 13.19 -20.34
CA SER A 486 -13.28 13.58 -19.00
C SER A 486 -12.37 14.48 -18.18
N PHE A 487 -11.05 14.46 -18.39
CA PHE A 487 -10.12 15.26 -17.56
C PHE A 487 -10.21 16.77 -17.85
N GLY A 488 -10.54 17.14 -19.08
CA GLY A 488 -10.65 18.54 -19.48
C GLY A 488 -9.36 19.06 -20.09
N GLY A 489 -9.48 20.03 -20.98
CA GLY A 489 -8.34 20.61 -21.70
C GLY A 489 -8.03 19.83 -22.96
N TYR A 490 -8.00 18.47 -22.85
CA TYR A 490 -7.72 17.55 -23.96
C TYR A 490 -8.73 17.72 -25.12
N ARG A 491 -10.02 17.83 -24.77
CA ARG A 491 -11.15 18.01 -25.68
C ARG A 491 -12.12 19.08 -25.10
N ASN A 492 -13.18 19.45 -25.86
CA ASN A 492 -14.21 20.42 -25.44
C ASN A 492 -15.16 19.81 -24.37
N ALA A 493 -15.01 18.48 -24.12
CA ALA A 493 -15.77 17.71 -23.16
C ALA A 493 -14.96 17.43 -21.90
N SER A 494 -15.67 17.35 -20.77
CA SER A 494 -15.14 17.05 -19.43
C SER A 494 -16.24 16.51 -18.55
N ALA A 495 -15.89 15.55 -17.69
CA ALA A 495 -16.78 14.91 -16.75
C ALA A 495 -17.43 15.93 -15.82
N TYR A 496 -18.74 15.75 -15.58
CA TYR A 496 -19.54 16.58 -14.70
C TYR A 496 -19.88 15.80 -13.41
N CYS A 497 -19.75 14.46 -13.47
CA CYS A 497 -20.08 13.55 -12.40
C CYS A 497 -19.22 12.29 -12.42
N LEU A 498 -18.80 11.86 -11.21
CA LEU A 498 -18.05 10.61 -10.99
C LEU A 498 -18.81 9.71 -10.02
N MET A 499 -18.99 8.45 -10.39
CA MET A 499 -19.67 7.44 -9.59
C MET A 499 -18.63 6.39 -9.13
N TYR A 500 -18.39 6.33 -7.85
CA TYR A 500 -17.46 5.36 -7.26
C TYR A 500 -18.24 4.36 -6.48
N ILE A 501 -17.74 3.14 -6.40
CA ILE A 501 -18.38 2.06 -5.67
C ILE A 501 -17.36 1.52 -4.65
N ASN A 502 -17.82 1.20 -3.42
CA ASN A 502 -16.98 0.65 -2.37
C ASN A 502 -16.42 -0.68 -2.83
N ASP A 503 -15.08 -0.87 -2.72
CA ASP A 503 -14.49 -2.12 -3.18
C ASP A 503 -14.85 -3.29 -2.25
N LYS A 504 -15.18 -2.99 -0.98
CA LYS A 504 -15.63 -3.98 -0.01
C LYS A 504 -17.11 -4.37 -0.29
N ALA A 505 -17.87 -3.51 -1.02
CA ALA A 505 -19.28 -3.73 -1.35
C ALA A 505 -19.44 -4.51 -2.65
N GLN A 506 -19.05 -5.81 -2.61
CA GLN A 506 -19.06 -6.70 -3.77
C GLN A 506 -20.45 -6.80 -4.44
N PHE A 507 -21.47 -7.20 -3.65
CA PHE A 507 -22.86 -7.44 -4.03
C PHE A 507 -23.41 -6.46 -5.06
N LEU A 508 -23.06 -5.16 -4.91
CA LEU A 508 -23.48 -4.06 -5.77
C LEU A 508 -23.39 -4.37 -7.24
N ILE A 509 -22.32 -5.05 -7.64
CA ILE A 509 -22.09 -5.34 -9.05
C ILE A 509 -21.80 -6.85 -9.29
N GLN A 510 -22.27 -7.73 -8.38
CA GLN A 510 -22.13 -9.19 -8.53
C GLN A 510 -23.45 -9.81 -9.09
N GLU A 511 -23.36 -10.80 -10.01
CA GLU A 511 -24.57 -11.44 -10.55
C GLU A 511 -25.18 -12.40 -9.51
N GLU A 512 -26.50 -12.72 -9.64
CA GLU A 512 -27.21 -13.63 -8.73
C GLU A 512 -26.79 -15.09 -9.01
N PHE A 513 -26.47 -15.85 -7.93
CA PHE A 513 -26.00 -17.24 -7.95
C PHE A 513 -26.98 -18.23 -8.63
N ASN A 514 -26.44 -19.36 -9.16
CA ASN A 514 -27.19 -20.43 -9.82
C ASN A 514 -27.05 -21.74 -9.05
N ILE A 524 -24.08 -18.96 -12.45
CA ILE A 524 -24.31 -17.52 -12.58
C ILE A 524 -25.44 -17.23 -13.57
N GLU A 525 -26.53 -16.56 -13.12
CA GLU A 525 -27.71 -16.24 -13.91
C GLU A 525 -27.63 -14.83 -14.59
N THR A 526 -27.91 -14.78 -15.92
CA THR A 526 -27.92 -13.58 -16.79
C THR A 526 -29.11 -13.62 -17.80
N LEU A 527 -29.90 -14.70 -17.78
CA LEU A 527 -31.08 -14.90 -18.62
C LEU A 527 -32.25 -14.02 -18.13
N PRO A 528 -33.34 -13.72 -18.93
CA PRO A 528 -34.45 -12.91 -18.39
C PRO A 528 -34.85 -13.29 -16.95
N PRO A 529 -34.74 -12.33 -15.98
CA PRO A 529 -34.92 -12.68 -14.57
C PRO A 529 -36.26 -12.27 -13.94
N ASP A 530 -37.12 -11.52 -14.65
CA ASP A 530 -38.42 -11.14 -14.09
C ASP A 530 -39.57 -11.83 -14.85
N LEU A 531 -40.61 -12.28 -14.09
CA LEU A 531 -41.80 -13.03 -14.55
C LEU A 531 -42.56 -12.35 -15.69
N ARG A 532 -42.61 -11.01 -15.74
CA ARG A 532 -43.29 -10.30 -16.81
C ARG A 532 -42.35 -10.28 -18.05
N ASP A 533 -42.50 -11.35 -18.89
CA ASP A 533 -41.74 -11.58 -20.14
C ASP A 533 -42.46 -10.93 -21.33
N PHE A 534 -42.62 -9.59 -21.23
CA PHE A 534 -43.18 -8.63 -22.19
C PHE A 534 -42.12 -8.41 -23.27
N VAL A 535 -40.86 -8.70 -22.86
CA VAL A 535 -39.61 -8.71 -23.60
C VAL A 535 -39.72 -9.76 -24.71
N GLU A 536 -40.28 -10.97 -24.38
CA GLU A 536 -40.51 -12.05 -25.36
C GLU A 536 -41.46 -11.56 -26.44
N GLU A 537 -42.57 -10.89 -26.03
CA GLU A 537 -43.57 -10.25 -26.89
C GLU A 537 -42.89 -9.22 -27.83
N ASP A 538 -42.04 -8.32 -27.27
CA ASP A 538 -41.31 -7.31 -28.03
C ASP A 538 -40.28 -7.94 -29.01
N ASN A 539 -39.63 -9.06 -28.60
CA ASN A 539 -38.67 -9.79 -29.41
C ASN A 539 -39.40 -10.48 -30.58
N GLN A 540 -40.57 -11.08 -30.27
CA GLN A 540 -41.47 -11.72 -31.23
C GLN A 540 -41.88 -10.66 -32.28
N ARG A 541 -42.22 -9.41 -31.83
CA ARG A 541 -42.58 -8.28 -32.70
C ARG A 541 -41.44 -7.97 -33.69
N PHE A 542 -40.24 -7.70 -33.15
CA PHE A 542 -39.03 -7.39 -33.94
C PHE A 542 -38.66 -8.51 -34.93
N GLU A 543 -38.82 -9.78 -34.53
CA GLU A 543 -38.49 -10.93 -35.37
C GLU A 543 -39.38 -10.95 -36.61
N LYS A 544 -40.70 -10.69 -36.42
CA LYS A 544 -41.69 -10.60 -37.50
C LYS A 544 -41.45 -9.30 -38.29
N GLU A 545 -40.86 -8.27 -37.62
CA GLU A 545 -40.50 -6.98 -38.24
C GLU A 545 -39.39 -7.20 -39.27
N LEU A 546 -38.40 -8.06 -38.93
CA LEU A 546 -37.31 -8.43 -39.81
C LEU A 546 -37.86 -9.17 -41.02
N GLU A 547 -38.78 -10.15 -40.77
CA GLU A 547 -39.45 -10.98 -41.78
C GLU A 547 -40.12 -10.11 -42.85
N GLU A 548 -40.98 -9.15 -42.41
CA GLU A 548 -41.73 -8.20 -43.26
C GLU A 548 -40.83 -7.48 -44.26
N TRP A 549 -39.60 -7.10 -43.82
CA TRP A 549 -38.61 -6.39 -44.63
C TRP A 549 -38.08 -7.26 -45.77
N ASP A 550 -37.69 -8.52 -45.49
CA ASP A 550 -37.16 -9.45 -46.49
C ASP A 550 -38.23 -9.90 -47.50
N ALA A 551 -39.50 -9.96 -47.04
CA ALA A 551 -40.66 -10.45 -47.78
C ALA A 551 -41.34 -9.40 -48.71
N GLN A 552 -40.93 -8.10 -48.64
CA GLN A 552 -41.52 -7.02 -49.44
C GLN A 552 -41.49 -7.29 -50.97
N PRO B 4 51.30 -10.74 8.42
CA PRO B 4 50.61 -9.70 9.20
C PRO B 4 50.97 -8.26 8.72
N TYR B 5 51.09 -8.09 7.39
CA TYR B 5 51.42 -6.81 6.77
C TYR B 5 50.16 -6.15 6.20
N ASP B 6 49.85 -4.87 6.56
CA ASP B 6 48.69 -4.10 6.03
C ASP B 6 47.36 -4.90 6.08
N ARG B 7 47.12 -5.64 7.18
CA ARG B 7 45.90 -6.46 7.26
C ARG B 7 44.83 -5.80 8.12
N LYS B 8 45.23 -5.17 9.25
CA LYS B 8 44.33 -4.48 10.18
C LYS B 8 44.12 -3.01 9.74
N ARG B 9 43.51 -2.80 8.55
CA ARG B 9 43.20 -1.47 7.98
C ARG B 9 41.75 -1.41 7.48
N GLN B 10 41.05 -0.30 7.80
CA GLN B 10 39.65 -0.06 7.45
C GLN B 10 39.49 0.35 5.96
N ASP B 11 38.22 0.34 5.48
CA ASP B 11 37.78 0.74 4.14
C ASP B 11 36.34 1.31 4.21
N LYS B 12 36.11 2.34 5.09
CA LYS B 12 34.82 3.03 5.35
C LYS B 12 33.72 2.03 5.83
N ALA B 13 34.16 1.01 6.60
CA ALA B 13 33.35 -0.07 7.16
C ALA B 13 33.44 -0.08 8.71
N PRO B 14 32.45 -0.65 9.47
CA PRO B 14 32.57 -0.63 10.94
C PRO B 14 33.69 -1.54 11.45
N VAL B 15 34.25 -1.19 12.59
CA VAL B 15 35.36 -1.91 13.21
C VAL B 15 34.89 -3.17 13.90
N GLY B 16 35.71 -4.20 13.80
CA GLY B 16 35.47 -5.48 14.46
C GLY B 16 36.11 -5.50 15.84
N LEU B 17 36.01 -6.66 16.50
CA LEU B 17 36.58 -6.90 17.83
C LEU B 17 37.28 -8.25 17.86
N LYS B 18 38.45 -8.32 18.55
CA LYS B 18 39.24 -9.55 18.70
C LYS B 18 38.47 -10.58 19.56
N ASN B 19 38.73 -11.91 19.34
CA ASN B 19 38.00 -12.94 20.09
C ASN B 19 38.49 -13.16 21.52
N VAL B 20 39.74 -12.80 21.86
CA VAL B 20 40.34 -12.89 23.21
C VAL B 20 39.96 -14.22 23.97
N GLY B 21 39.91 -15.31 23.21
CA GLY B 21 39.58 -16.64 23.68
C GLY B 21 38.29 -17.11 23.06
N ASN B 22 37.20 -16.98 23.82
CA ASN B 22 35.79 -17.31 23.53
C ASN B 22 34.91 -16.16 24.08
N THR B 23 35.17 -14.92 23.58
CA THR B 23 34.45 -13.71 23.98
C THR B 23 33.57 -13.20 22.85
N CYS B 24 33.01 -14.11 22.04
CA CYS B 24 32.12 -13.77 20.95
C CYS B 24 30.84 -13.16 21.50
N TRP B 25 30.40 -13.63 22.69
CA TRP B 25 29.22 -13.14 23.41
C TRP B 25 29.39 -11.66 23.74
N PHE B 26 30.63 -11.26 24.06
CA PHE B 26 30.97 -9.90 24.44
C PHE B 26 30.85 -8.99 23.22
N SER B 27 31.39 -9.43 22.06
CA SER B 27 31.36 -8.70 20.81
C SER B 27 29.94 -8.36 20.44
N ALA B 28 29.07 -9.39 20.42
CA ALA B 28 27.65 -9.28 20.11
C ALA B 28 26.97 -8.23 20.98
N VAL B 29 26.98 -8.42 22.33
CA VAL B 29 26.32 -7.51 23.27
C VAL B 29 26.88 -6.06 23.08
N ILE B 30 28.23 -5.89 23.02
CA ILE B 30 28.88 -4.58 22.88
C ILE B 30 28.53 -3.89 21.56
N GLN B 31 28.78 -4.56 20.41
CA GLN B 31 28.50 -4.03 19.07
C GLN B 31 27.04 -3.60 18.94
N SER B 32 26.13 -4.34 19.62
CA SER B 32 24.69 -4.06 19.67
C SER B 32 24.46 -2.72 20.35
N LEU B 33 25.06 -2.54 21.55
CA LEU B 33 24.96 -1.32 22.33
C LEU B 33 25.58 -0.16 21.59
N PHE B 34 26.80 -0.36 21.09
CA PHE B 34 27.54 0.64 20.35
C PHE B 34 26.74 1.16 19.15
N ASN B 35 26.06 0.28 18.41
CA ASN B 35 25.27 0.70 17.24
C ASN B 35 23.96 1.40 17.64
N LEU B 36 23.71 1.58 18.95
CA LEU B 36 22.58 2.33 19.50
C LEU B 36 23.10 3.72 19.88
N LEU B 37 23.23 4.62 18.87
CA LEU B 37 23.79 5.97 18.91
C LEU B 37 23.61 6.75 20.23
N GLU B 38 22.36 6.85 20.78
CA GLU B 38 22.11 7.55 22.04
C GLU B 38 22.96 6.94 23.19
N PHE B 39 23.02 5.59 23.28
CA PHE B 39 23.82 4.89 24.29
C PHE B 39 25.30 5.12 24.04
N ARG B 40 25.71 5.13 22.75
CA ARG B 40 27.09 5.42 22.34
C ARG B 40 27.48 6.80 22.85
N ARG B 41 26.55 7.78 22.74
CA ARG B 41 26.76 9.14 23.22
C ARG B 41 26.86 9.19 24.75
N LEU B 42 26.04 8.37 25.47
CA LEU B 42 26.02 8.33 26.94
C LEU B 42 27.34 7.80 27.49
N VAL B 43 27.89 6.74 26.85
CA VAL B 43 29.17 6.14 27.23
C VAL B 43 30.33 7.10 26.86
N LEU B 44 30.29 7.69 25.65
CA LEU B 44 31.32 8.63 25.19
C LEU B 44 31.35 9.89 26.06
N ASN B 45 30.21 10.57 26.26
CA ASN B 45 30.18 11.77 27.11
C ASN B 45 29.94 11.38 28.57
N TYR B 46 30.72 10.39 29.07
CA TYR B 46 30.64 9.97 30.45
C TYR B 46 31.83 10.52 31.26
N LYS B 47 31.51 11.14 32.40
CA LYS B 47 32.46 11.69 33.37
C LYS B 47 32.08 11.09 34.73
N PRO B 48 33.01 10.36 35.43
CA PRO B 48 32.63 9.74 36.71
C PRO B 48 32.42 10.75 37.86
N PRO B 49 31.82 10.35 39.01
CA PRO B 49 31.60 11.31 40.11
C PRO B 49 32.88 11.99 40.63
N GLU B 61 32.34 1.22 45.39
CA GLU B 61 31.13 0.38 45.38
C GLU B 61 31.43 -1.01 44.79
N HIS B 62 32.21 -1.06 43.67
CA HIS B 62 32.63 -2.27 42.94
C HIS B 62 33.82 -1.94 42.00
N ARG B 63 34.06 -2.79 40.98
CA ARG B 63 35.09 -2.58 39.95
C ARG B 63 34.37 -2.15 38.62
N ASN B 64 33.22 -1.46 38.81
CA ASN B 64 32.30 -0.93 37.82
C ASN B 64 32.84 0.31 37.10
N LEU B 65 33.36 1.30 37.84
CA LEU B 65 33.88 2.54 37.26
C LEU B 65 35.13 2.28 36.38
N PRO B 66 36.14 1.42 36.74
CA PRO B 66 37.24 1.16 35.79
C PRO B 66 36.74 0.47 34.51
N PHE B 67 35.73 -0.42 34.64
CA PHE B 67 35.13 -1.10 33.49
C PHE B 67 34.48 -0.07 32.54
N MET B 68 33.75 0.92 33.10
CA MET B 68 33.07 1.98 32.33
C MET B 68 34.12 2.83 31.58
N ARG B 69 35.26 3.09 32.24
CA ARG B 69 36.42 3.86 31.73
C ARG B 69 37.15 3.09 30.62
N GLU B 70 37.25 1.76 30.75
CA GLU B 70 37.87 0.88 29.77
C GLU B 70 36.96 0.74 28.56
N LEU B 71 35.63 0.81 28.78
CA LEU B 71 34.60 0.75 27.73
C LEU B 71 34.64 2.03 26.90
N ARG B 72 35.01 3.18 27.52
CA ARG B 72 35.17 4.46 26.82
C ARG B 72 36.26 4.29 25.76
N TYR B 73 37.46 3.80 26.17
CA TYR B 73 38.61 3.51 25.31
C TYR B 73 38.28 2.47 24.22
N LEU B 74 37.26 1.62 24.46
CA LEU B 74 36.83 0.62 23.49
C LEU B 74 36.00 1.28 22.39
N PHE B 75 34.94 2.03 22.76
CA PHE B 75 34.05 2.69 21.78
C PHE B 75 34.75 3.90 21.11
N ALA B 76 35.76 4.49 21.75
CA ALA B 76 36.49 5.61 21.15
C ALA B 76 37.29 5.13 19.93
N LEU B 77 38.13 4.09 20.12
CA LEU B 77 38.96 3.47 19.07
C LEU B 77 38.08 2.73 18.03
N LEU B 78 36.75 2.59 18.32
CA LEU B 78 35.72 1.95 17.48
C LEU B 78 34.96 2.97 16.63
N VAL B 79 35.13 4.27 16.93
CA VAL B 79 34.51 5.35 16.15
C VAL B 79 35.65 6.08 15.42
N GLY B 80 36.83 6.10 16.06
CA GLY B 80 38.06 6.66 15.50
C GLY B 80 38.70 5.70 14.51
N THR B 81 38.23 4.43 14.56
CA THR B 81 38.59 3.26 13.75
C THR B 81 40.12 3.18 13.50
N LYS B 82 40.60 3.65 12.32
CA LYS B 82 41.97 3.60 11.78
C LYS B 82 42.37 2.18 11.35
N ARG B 83 42.11 1.16 12.21
CA ARG B 83 42.40 -0.25 11.96
C ARG B 83 41.15 -1.03 11.51
N LYS B 84 41.26 -2.38 11.38
CA LYS B 84 40.18 -3.31 10.99
C LYS B 84 39.46 -3.86 12.22
N TYR B 85 40.20 -4.21 13.27
CA TYR B 85 39.60 -4.71 14.52
C TYR B 85 40.42 -4.23 15.76
N VAL B 86 39.69 -4.02 16.86
CA VAL B 86 40.12 -3.57 18.18
C VAL B 86 40.28 -4.79 19.11
N ASP B 87 41.23 -4.74 20.05
CA ASP B 87 41.47 -5.77 21.07
C ASP B 87 40.70 -5.42 22.37
N PRO B 88 39.55 -6.12 22.67
CA PRO B 88 38.77 -5.80 23.88
C PRO B 88 39.33 -6.43 25.17
N SER B 89 40.62 -6.81 25.16
CA SER B 89 41.32 -7.49 26.23
C SER B 89 41.25 -6.78 27.59
N ARG B 90 41.52 -5.46 27.66
CA ARG B 90 41.50 -4.73 28.93
C ARG B 90 40.08 -4.65 29.55
N ALA B 91 39.03 -4.44 28.73
CA ALA B 91 37.64 -4.40 29.19
C ALA B 91 37.15 -5.77 29.71
N VAL B 92 37.44 -6.84 28.93
CA VAL B 92 37.10 -8.24 29.22
C VAL B 92 37.81 -8.71 30.51
N GLU B 93 39.09 -8.33 30.71
CA GLU B 93 39.91 -8.72 31.87
C GLU B 93 39.30 -8.27 33.20
N ILE B 94 38.72 -7.04 33.26
CA ILE B 94 38.08 -6.50 34.48
C ILE B 94 36.84 -7.34 34.79
N LEU B 95 36.04 -7.60 33.75
CA LEU B 95 34.82 -8.38 33.83
C LEU B 95 35.10 -9.83 34.25
N LYS B 96 36.13 -10.46 33.67
CA LYS B 96 36.54 -11.82 33.97
C LYS B 96 37.11 -11.95 35.38
N ASP B 97 37.76 -10.89 35.89
CA ASP B 97 38.36 -10.86 37.22
C ASP B 97 37.31 -10.91 38.35
N ALA B 98 36.04 -10.50 38.05
CA ALA B 98 34.93 -10.52 39.02
C ALA B 98 34.49 -11.96 39.36
N PHE B 99 34.95 -12.95 38.57
CA PHE B 99 34.63 -14.38 38.72
C PHE B 99 35.91 -15.19 39.00
N ASP B 108 28.26 -18.83 33.60
CA ASP B 108 27.92 -18.85 32.19
C ASP B 108 27.99 -17.44 31.61
N VAL B 109 27.83 -17.29 30.28
CA VAL B 109 27.92 -15.99 29.58
C VAL B 109 26.79 -15.03 30.01
N SER B 110 25.64 -15.56 30.48
CA SER B 110 24.52 -14.71 30.93
C SER B 110 24.90 -13.99 32.23
N GLU B 111 25.61 -14.69 33.14
CA GLU B 111 26.08 -14.15 34.41
C GLU B 111 27.06 -13.02 34.13
N PHE B 112 27.91 -13.19 33.10
CA PHE B 112 28.86 -12.20 32.60
C PHE B 112 28.14 -11.00 32.01
N THR B 113 27.14 -11.25 31.16
CA THR B 113 26.35 -10.21 30.51
C THR B 113 25.60 -9.40 31.57
N HIS B 114 25.03 -10.10 32.57
CA HIS B 114 24.31 -9.48 33.67
C HIS B 114 25.20 -8.51 34.45
N LYS B 115 26.40 -8.97 34.89
CA LYS B 115 27.35 -8.14 35.64
C LYS B 115 27.76 -6.91 34.82
N LEU B 116 28.05 -7.11 33.53
CA LEU B 116 28.40 -6.07 32.57
C LEU B 116 27.38 -4.91 32.68
N LEU B 117 26.08 -5.23 32.49
CA LEU B 117 24.96 -4.30 32.52
C LEU B 117 24.80 -3.70 33.93
N ASP B 118 24.99 -4.52 35.00
CA ASP B 118 24.96 -4.10 36.40
C ASP B 118 25.85 -2.88 36.58
N TRP B 119 27.15 -3.07 36.26
CA TRP B 119 28.26 -2.11 36.32
C TRP B 119 27.96 -0.83 35.56
N LEU B 120 27.42 -0.95 34.32
CA LEU B 120 27.06 0.20 33.48
C LEU B 120 25.94 1.01 34.15
N GLU B 121 24.87 0.33 34.62
CA GLU B 121 23.74 0.95 35.32
C GLU B 121 24.22 1.66 36.58
N ASP B 122 25.07 0.99 37.38
CA ASP B 122 25.69 1.51 38.60
C ASP B 122 26.56 2.72 38.31
N ALA B 123 27.30 2.70 37.18
CA ALA B 123 28.16 3.80 36.76
C ALA B 123 27.33 5.04 36.51
N PHE B 124 26.24 4.90 35.71
CA PHE B 124 25.32 5.98 35.39
C PHE B 124 24.53 6.44 36.62
N GLN B 125 24.28 5.52 37.58
CA GLN B 125 23.58 5.81 38.85
C GLN B 125 24.41 6.76 39.71
N MET B 126 25.73 6.51 39.81
CA MET B 126 26.68 7.33 40.57
C MET B 126 26.75 8.73 39.97
N LYS B 127 26.80 8.82 38.61
CA LYS B 127 26.82 10.09 37.85
C LYS B 127 25.53 10.90 38.09
N ALA B 128 24.38 10.20 38.18
CA ALA B 128 23.08 10.82 38.42
C ALA B 128 22.92 11.22 39.91
N GLU B 129 23.18 10.26 40.85
CA GLU B 129 23.08 10.40 42.31
C GLU B 129 23.82 11.61 42.83
N GLU B 130 25.02 11.90 42.25
CA GLU B 130 25.87 13.04 42.60
C GLU B 130 25.09 14.36 42.40
N GLU B 131 24.15 14.36 41.40
CA GLU B 131 23.28 15.49 41.05
C GLU B 131 21.85 15.24 41.54
N PRO B 137 15.66 10.95 40.74
CA PRO B 137 16.78 10.93 39.79
C PRO B 137 16.56 9.92 38.65
N LYS B 138 16.75 10.38 37.39
CA LYS B 138 16.57 9.52 36.22
C LYS B 138 17.92 8.97 35.74
N ASN B 139 17.99 7.64 35.62
CA ASN B 139 19.17 6.93 35.14
C ASN B 139 19.00 6.80 33.62
N PRO B 140 19.77 7.56 32.80
CA PRO B 140 19.56 7.55 31.34
C PRO B 140 19.62 6.17 30.68
N MET B 141 20.39 5.22 31.24
CA MET B 141 20.46 3.86 30.70
C MET B 141 19.18 3.07 31.04
N VAL B 142 18.74 3.10 32.33
CA VAL B 142 17.53 2.46 32.84
C VAL B 142 16.31 3.06 32.11
N GLU B 143 16.39 4.35 31.70
CA GLU B 143 15.34 5.05 30.97
C GLU B 143 15.15 4.48 29.54
N LEU B 144 16.16 3.76 29.01
CA LEU B 144 16.11 3.18 27.68
C LEU B 144 15.59 1.75 27.62
N PHE B 145 15.98 0.88 28.56
CA PHE B 145 15.66 -0.54 28.45
C PHE B 145 14.51 -1.02 29.31
N TYR B 146 14.21 -0.32 30.39
CA TYR B 146 13.19 -0.80 31.30
C TYR B 146 11.84 -0.10 31.09
N GLY B 147 10.78 -0.87 31.25
CA GLY B 147 9.41 -0.42 31.12
C GLY B 147 8.53 -0.95 32.24
N ARG B 148 7.20 -0.88 32.04
CA ARG B 148 6.19 -1.34 32.98
C ARG B 148 5.01 -1.97 32.30
N PHE B 149 4.52 -3.06 32.88
CA PHE B 149 3.32 -3.76 32.44
C PHE B 149 2.41 -3.97 33.65
N LEU B 150 1.10 -4.12 33.41
CA LEU B 150 0.12 -4.39 34.45
C LEU B 150 -0.26 -5.87 34.40
N ALA B 151 -0.26 -6.51 35.57
CA ALA B 151 -0.60 -7.92 35.77
C ALA B 151 -1.94 -7.99 36.52
N VAL B 152 -3.01 -8.34 35.82
CA VAL B 152 -4.34 -8.44 36.40
C VAL B 152 -4.82 -9.91 36.33
N GLY B 153 -5.35 -10.41 37.43
CA GLY B 153 -5.82 -11.80 37.49
C GLY B 153 -6.64 -12.18 38.71
N VAL B 154 -6.88 -13.50 38.85
CA VAL B 154 -7.63 -14.14 39.94
C VAL B 154 -6.90 -15.41 40.37
N LEU B 155 -6.88 -15.69 41.69
CA LEU B 155 -6.23 -16.86 42.28
C LEU B 155 -7.27 -17.64 43.13
N GLU B 156 -7.99 -18.59 42.45
CA GLU B 156 -9.07 -19.48 42.94
C GLU B 156 -10.36 -18.69 43.28
N GLY B 157 -10.53 -17.53 42.63
CA GLY B 157 -11.65 -16.62 42.85
C GLY B 157 -11.28 -15.24 43.36
N LYS B 158 -10.13 -15.11 44.09
CA LYS B 158 -9.64 -13.85 44.68
C LYS B 158 -8.80 -13.03 43.68
N LYS B 159 -9.26 -11.80 43.38
CA LYS B 159 -8.64 -10.87 42.42
C LYS B 159 -7.34 -10.24 42.93
N PHE B 160 -6.48 -9.82 41.98
CA PHE B 160 -5.20 -9.14 42.22
C PHE B 160 -4.85 -8.24 41.03
N GLU B 161 -4.08 -7.16 41.29
CA GLU B 161 -3.66 -6.20 40.26
C GLU B 161 -2.31 -5.57 40.64
N ASN B 162 -1.24 -5.88 39.88
CA ASN B 162 0.12 -5.35 40.13
C ASN B 162 0.74 -4.75 38.89
N THR B 163 1.48 -3.64 39.06
CA THR B 163 2.20 -3.02 37.94
C THR B 163 3.67 -3.31 38.16
N GLU B 164 4.20 -4.26 37.40
CA GLU B 164 5.58 -4.70 37.49
C GLU B 164 6.49 -3.95 36.51
N MET B 165 7.70 -3.63 36.97
CA MET B 165 8.72 -3.07 36.11
C MET B 165 9.40 -4.23 35.39
N PHE B 166 9.70 -4.08 34.10
CA PHE B 166 10.36 -5.13 33.34
C PHE B 166 11.52 -4.56 32.52
N GLY B 167 12.40 -5.44 32.08
CA GLY B 167 13.53 -5.09 31.24
C GLY B 167 13.39 -5.81 29.93
N GLN B 168 14.04 -6.95 29.84
CA GLN B 168 13.92 -7.84 28.70
C GLN B 168 12.75 -8.73 29.00
N TYR B 169 11.79 -8.79 28.09
CA TYR B 169 10.63 -9.63 28.27
C TYR B 169 11.00 -11.01 27.74
N PRO B 170 11.04 -12.07 28.61
CA PRO B 170 11.48 -13.39 28.15
C PRO B 170 10.33 -14.23 27.59
N LEU B 171 10.61 -14.86 26.43
CA LEU B 171 9.65 -15.68 25.68
C LEU B 171 10.18 -17.13 25.51
N GLN B 172 9.25 -18.09 25.54
CA GLN B 172 9.53 -19.52 25.30
C GLN B 172 9.13 -19.78 23.87
N VAL B 173 9.95 -20.42 23.05
CA VAL B 173 9.56 -20.57 21.64
C VAL B 173 8.98 -21.98 21.26
N ASN B 174 8.85 -22.93 22.21
CA ASN B 174 8.34 -24.26 21.84
C ASN B 174 6.90 -24.17 21.34
N GLY B 175 6.74 -24.63 20.12
CA GLY B 175 5.46 -24.74 19.47
C GLY B 175 4.83 -23.46 18.97
N PHE B 176 5.61 -22.39 18.72
CA PHE B 176 5.04 -21.15 18.18
C PHE B 176 5.60 -20.85 16.81
N LYS B 177 4.73 -20.35 15.89
CA LYS B 177 5.08 -20.06 14.48
C LYS B 177 5.78 -18.69 14.30
N ASP B 178 5.44 -17.70 15.16
CA ASP B 178 6.01 -16.37 15.10
C ASP B 178 6.03 -15.68 16.47
N LEU B 179 6.63 -14.48 16.51
CA LEU B 179 6.81 -13.62 17.67
C LEU B 179 5.48 -13.19 18.31
N HIS B 180 4.46 -12.93 17.50
CA HIS B 180 3.20 -12.50 18.10
C HIS B 180 2.55 -13.65 18.87
N GLU B 181 2.61 -14.89 18.30
CA GLU B 181 2.10 -16.13 18.90
C GLU B 181 2.76 -16.37 20.25
N CYS B 182 4.07 -16.18 20.24
CA CYS B 182 5.04 -16.28 21.31
C CYS B 182 4.70 -15.34 22.44
N LEU B 183 4.59 -14.04 22.13
CA LEU B 183 4.33 -12.96 23.07
C LEU B 183 2.96 -13.06 23.71
N GLU B 184 1.93 -13.37 22.90
CA GLU B 184 0.56 -13.52 23.39
C GLU B 184 0.52 -14.62 24.45
N ALA B 185 1.13 -15.79 24.16
CA ALA B 185 1.17 -16.94 25.07
C ALA B 185 1.82 -16.60 26.41
N ALA B 186 2.72 -15.60 26.42
CA ALA B 186 3.47 -15.13 27.58
C ALA B 186 2.70 -14.07 28.39
N MET B 187 1.76 -13.37 27.74
CA MET B 187 0.99 -12.31 28.38
C MET B 187 -0.40 -12.83 28.78
N ILE B 188 -0.53 -14.17 28.85
CA ILE B 188 -1.69 -14.95 29.26
C ILE B 188 -1.23 -16.20 30.04
N GLU B 189 -1.73 -16.33 31.30
CA GLU B 189 -1.45 -17.47 32.19
C GLU B 189 -2.79 -17.99 32.75
N GLY B 190 -3.02 -19.29 32.61
CA GLY B 190 -4.24 -19.94 33.08
C GLY B 190 -5.47 -19.64 32.25
N GLU B 191 -6.62 -19.46 32.91
CA GLU B 191 -7.91 -19.20 32.28
C GLU B 191 -8.53 -17.87 32.80
N ILE B 192 -8.55 -16.84 31.94
CA ILE B 192 -9.10 -15.51 32.24
C ILE B 192 -10.65 -15.49 32.18
N GLU B 193 -11.32 -14.65 33.03
CA GLU B 193 -12.78 -14.53 33.05
C GLU B 193 -13.25 -13.15 33.53
N LYS B 202 -11.91 -20.47 39.45
CA LYS B 202 -11.02 -20.34 38.31
C LYS B 202 -9.83 -19.43 38.62
N SER B 203 -8.64 -19.79 38.12
CA SER B 203 -7.40 -19.03 38.29
C SER B 203 -6.86 -18.55 36.92
N GLY B 204 -6.48 -17.28 36.86
CA GLY B 204 -5.94 -16.63 35.65
C GLY B 204 -5.06 -15.42 35.88
N GLN B 205 -4.45 -14.89 34.78
CA GLN B 205 -3.57 -13.71 34.76
C GLN B 205 -3.36 -13.20 33.31
N GLU B 206 -3.43 -11.88 33.13
CA GLU B 206 -3.20 -11.16 31.87
C GLU B 206 -2.16 -10.08 32.08
N HIS B 207 -1.21 -9.96 31.16
CA HIS B 207 -0.22 -8.89 31.20
C HIS B 207 -0.56 -7.88 30.11
N TRP B 208 -0.41 -6.61 30.42
CA TRP B 208 -0.70 -5.50 29.49
C TRP B 208 0.37 -4.45 29.62
N PHE B 209 1.02 -4.04 28.53
CA PHE B 209 2.05 -3.01 28.65
C PHE B 209 1.41 -1.63 29.01
N THR B 210 2.00 -0.94 29.99
CA THR B 210 1.52 0.38 30.44
C THR B 210 2.55 1.43 29.99
N GLU B 211 3.84 1.15 30.26
CA GLU B 211 4.98 1.97 29.84
C GLU B 211 5.91 1.10 29.00
N LEU B 212 6.18 1.51 27.76
CA LEU B 212 7.10 0.76 26.91
C LEU B 212 8.50 1.39 26.86
N PRO B 213 9.58 0.58 26.97
CA PRO B 213 10.94 1.16 26.86
C PRO B 213 11.26 1.52 25.40
N PRO B 214 11.99 2.63 25.14
CA PRO B 214 12.31 2.96 23.73
C PRO B 214 13.13 1.86 23.05
N VAL B 215 13.94 1.12 23.85
CA VAL B 215 14.76 -0.03 23.44
C VAL B 215 14.14 -1.30 24.04
N LEU B 216 13.25 -1.94 23.26
CA LEU B 216 12.49 -3.12 23.63
C LEU B 216 13.22 -4.41 23.24
N THR B 217 13.52 -5.27 24.23
CA THR B 217 14.26 -6.52 24.00
C THR B 217 13.49 -7.76 24.41
N PHE B 218 13.63 -8.82 23.60
CA PHE B 218 12.98 -10.08 23.87
C PHE B 218 13.98 -11.21 23.90
N GLU B 219 13.82 -12.14 24.85
CA GLU B 219 14.61 -13.36 24.87
C GLU B 219 13.79 -14.45 24.21
N LEU B 220 14.41 -15.19 23.29
CA LEU B 220 13.76 -16.29 22.60
C LEU B 220 14.38 -17.60 23.10
N SER B 221 13.79 -18.17 24.18
CA SER B 221 14.31 -19.37 24.85
C SER B 221 13.95 -20.68 24.15
N ARG B 222 14.97 -21.35 23.61
CA ARG B 222 14.76 -22.61 22.87
C ARG B 222 15.14 -23.85 23.69
N PHE B 223 15.45 -23.68 24.97
CA PHE B 223 15.85 -24.85 25.75
C PHE B 223 14.67 -25.61 26.32
N GLU B 224 14.53 -26.87 25.91
CA GLU B 224 13.46 -27.75 26.41
C GLU B 224 14.08 -29.17 26.65
N PHE B 225 13.67 -29.84 27.75
CA PHE B 225 14.17 -31.18 28.10
C PHE B 225 13.79 -32.22 27.06
N ASN B 226 14.79 -32.87 26.44
CA ASN B 226 14.55 -33.95 25.49
C ASN B 226 14.50 -35.27 26.25
N GLN B 227 13.33 -35.94 26.28
CA GLN B 227 13.17 -37.20 27.01
C GLN B 227 14.02 -38.32 26.40
N ALA B 228 14.04 -38.40 25.04
CA ALA B 228 14.78 -39.41 24.30
C ALA B 228 16.28 -39.34 24.55
N LEU B 229 16.80 -38.11 24.69
CA LEU B 229 18.21 -37.85 24.92
C LEU B 229 18.53 -37.80 26.40
N GLY B 230 17.55 -37.49 27.23
CA GLY B 230 17.72 -37.42 28.67
C GLY B 230 18.42 -36.18 29.18
N ARG B 231 18.35 -35.08 28.40
CA ARG B 231 18.96 -33.80 28.79
C ARG B 231 18.24 -32.63 28.11
N PRO B 232 18.44 -31.37 28.58
CA PRO B 232 17.85 -30.22 27.87
C PRO B 232 18.63 -29.90 26.61
N GLU B 233 17.92 -29.58 25.53
CA GLU B 233 18.52 -29.24 24.25
CA GLU B 233 18.52 -29.24 24.25
C GLU B 233 17.75 -28.13 23.55
N LYS B 234 18.43 -27.39 22.65
CA LYS B 234 17.80 -26.33 21.88
C LYS B 234 16.79 -26.95 20.90
N ILE B 235 15.62 -26.33 20.81
CA ILE B 235 14.50 -26.68 19.95
C ILE B 235 14.78 -26.02 18.57
N HIS B 236 14.51 -26.70 17.46
CA HIS B 236 14.87 -26.13 16.14
C HIS B 236 13.68 -25.78 15.23
N ASN B 237 12.52 -25.46 15.82
CA ASN B 237 11.41 -25.09 14.93
C ASN B 237 11.58 -23.66 14.50
N LYS B 238 11.04 -23.34 13.32
CA LYS B 238 11.13 -22.01 12.74
C LYS B 238 10.16 -21.07 13.46
N LEU B 239 10.71 -19.99 14.02
CA LEU B 239 9.97 -18.92 14.65
C LEU B 239 10.39 -17.62 13.99
N GLU B 240 9.45 -17.03 13.24
CA GLU B 240 9.54 -15.81 12.47
C GLU B 240 9.36 -14.59 13.35
N PHE B 241 9.88 -13.46 12.91
CA PHE B 241 9.73 -12.16 13.57
C PHE B 241 9.78 -11.05 12.50
N PRO B 242 9.01 -9.96 12.66
CA PRO B 242 8.99 -8.94 11.60
C PRO B 242 10.12 -7.93 11.67
N GLN B 243 10.30 -7.14 10.61
CA GLN B 243 11.27 -6.04 10.64
C GLN B 243 10.65 -4.88 11.42
N VAL B 244 9.30 -4.79 11.43
CA VAL B 244 8.54 -3.79 12.19
C VAL B 244 7.44 -4.54 12.94
N LEU B 245 7.41 -4.36 14.28
CA LEU B 245 6.47 -5.00 15.17
C LEU B 245 5.51 -3.96 15.75
N TYR B 246 4.19 -4.21 15.66
CA TYR B 246 3.20 -3.28 16.22
C TYR B 246 2.71 -3.80 17.58
N LEU B 247 3.07 -3.05 18.65
CA LEU B 247 2.76 -3.48 20.00
C LEU B 247 1.44 -2.98 20.53
N ASP B 248 0.60 -2.42 19.65
CA ASP B 248 -0.72 -1.87 19.95
C ASP B 248 -1.66 -2.85 20.69
N ARG B 249 -1.79 -4.10 20.22
CA ARG B 249 -2.67 -5.10 20.82
C ARG B 249 -2.30 -5.44 22.27
N TYR B 250 -1.00 -5.39 22.62
CA TYR B 250 -0.53 -5.74 23.96
C TYR B 250 -0.63 -4.56 24.93
N MET B 251 -1.03 -3.37 24.43
CA MET B 251 -1.18 -2.15 25.22
C MET B 251 -2.43 -2.21 26.08
N HIS B 252 -2.29 -1.80 27.35
CA HIS B 252 -3.35 -1.79 28.34
C HIS B 252 -4.57 -1.01 27.88
N ARG B 253 -4.38 0.14 27.19
CA ARG B 253 -5.47 0.97 26.66
C ARG B 253 -6.38 0.20 25.65
N ASN B 254 -5.78 -0.75 24.92
CA ASN B 254 -6.44 -1.54 23.90
C ASN B 254 -6.95 -2.89 24.47
N ARG B 255 -6.93 -3.05 25.82
CA ARG B 255 -7.29 -4.29 26.54
C ARG B 255 -8.71 -4.79 26.22
N GLU B 256 -9.71 -3.89 26.10
CA GLU B 256 -11.09 -4.33 25.83
C GLU B 256 -11.20 -4.83 24.40
N ILE B 257 -10.56 -4.12 23.46
CA ILE B 257 -10.59 -4.40 22.02
C ILE B 257 -9.85 -5.71 21.74
N THR B 258 -8.58 -5.81 22.16
CA THR B 258 -7.74 -7.01 21.98
C THR B 258 -8.47 -8.26 22.49
N ARG B 259 -9.08 -8.22 23.70
CA ARG B 259 -9.80 -9.35 24.31
C ARG B 259 -10.88 -9.92 23.39
N ILE B 260 -11.59 -9.01 22.67
CA ILE B 260 -12.65 -9.35 21.71
C ILE B 260 -12.03 -10.04 20.46
N LYS B 261 -11.01 -9.39 19.82
CA LYS B 261 -10.28 -9.89 18.64
C LYS B 261 -9.74 -11.28 18.94
N ARG B 262 -9.21 -11.45 20.16
CA ARG B 262 -8.66 -12.69 20.68
C ARG B 262 -9.70 -13.78 20.73
N GLU B 263 -10.93 -13.44 21.15
CA GLU B 263 -11.98 -14.45 21.23
C GLU B 263 -12.46 -14.86 19.82
N GLU B 264 -12.46 -13.90 18.87
CA GLU B 264 -12.79 -14.14 17.48
C GLU B 264 -11.82 -15.13 16.89
N ILE B 265 -10.52 -14.97 17.22
CA ILE B 265 -9.47 -15.88 16.72
C ILE B 265 -9.66 -17.26 17.35
N LYS B 266 -10.08 -17.33 18.63
CA LYS B 266 -10.33 -18.60 19.31
C LYS B 266 -11.38 -19.39 18.50
N ARG B 267 -12.50 -18.73 18.17
CA ARG B 267 -13.60 -19.32 17.41
C ARG B 267 -13.12 -19.71 16.02
N LEU B 268 -12.38 -18.82 15.35
CA LEU B 268 -11.88 -19.06 13.98
C LEU B 268 -10.91 -20.24 13.92
N LYS B 269 -9.96 -20.32 14.87
CA LYS B 269 -9.01 -21.43 14.97
C LYS B 269 -9.78 -22.74 15.21
N ASP B 270 -10.87 -22.68 16.00
CA ASP B 270 -11.74 -23.83 16.28
C ASP B 270 -12.28 -24.36 14.96
N TYR B 271 -12.92 -23.47 14.17
CA TYR B 271 -13.46 -23.77 12.83
C TYR B 271 -12.34 -24.33 11.91
N LEU B 272 -11.17 -23.67 11.95
CA LEU B 272 -10.01 -23.98 11.13
C LEU B 272 -9.57 -25.43 11.35
N THR B 273 -9.74 -25.95 12.59
CA THR B 273 -9.35 -27.31 12.95
C THR B 273 -10.25 -28.32 12.26
N VAL B 274 -11.58 -28.25 12.51
CA VAL B 274 -12.60 -29.12 11.94
C VAL B 274 -12.37 -29.30 10.43
N LEU B 275 -12.04 -28.20 9.72
CA LEU B 275 -11.78 -28.25 8.29
C LEU B 275 -10.49 -28.99 7.99
N GLN B 276 -9.41 -28.68 8.73
CA GLN B 276 -8.13 -29.32 8.54
C GLN B 276 -8.23 -30.83 8.81
N GLN B 277 -9.13 -31.24 9.74
CA GLN B 277 -9.40 -32.64 10.10
C GLN B 277 -10.09 -33.34 8.94
N ARG B 278 -11.21 -32.76 8.42
CA ARG B 278 -11.94 -33.30 7.28
C ARG B 278 -11.04 -33.40 6.01
N LEU B 279 -10.26 -32.35 5.71
CA LEU B 279 -9.35 -32.35 4.54
C LEU B 279 -8.33 -33.46 4.65
N GLU B 280 -7.83 -33.72 5.86
CA GLU B 280 -6.86 -34.76 6.11
C GLU B 280 -7.45 -36.13 5.80
N ARG B 281 -8.76 -36.31 6.01
CA ARG B 281 -9.45 -37.58 5.75
C ARG B 281 -9.50 -37.89 4.24
N TYR B 282 -9.49 -36.83 3.41
CA TYR B 282 -9.50 -36.90 1.95
C TYR B 282 -8.09 -37.22 1.43
N LEU B 283 -7.06 -36.58 2.02
CA LEU B 283 -5.66 -36.67 1.63
C LEU B 283 -4.97 -37.90 2.16
N SER B 284 -5.42 -38.43 3.31
CA SER B 284 -4.88 -39.64 3.94
C SER B 284 -6.00 -40.67 4.18
N TYR B 285 -6.59 -41.15 3.07
CA TYR B 285 -7.68 -42.09 3.10
C TYR B 285 -7.21 -43.52 3.34
N GLY B 286 -8.06 -44.31 4.00
CA GLY B 286 -7.79 -45.71 4.30
C GLY B 286 -7.99 -46.06 5.76
N SER B 287 -8.21 -47.35 6.03
CA SER B 287 -8.38 -47.82 7.39
C SER B 287 -7.12 -48.57 7.87
N GLY B 288 -6.28 -49.04 6.96
CA GLY B 288 -5.06 -49.77 7.29
C GLY B 288 -3.88 -48.90 7.68
N PRO B 289 -2.69 -49.51 7.86
CA PRO B 289 -1.52 -48.72 8.30
C PRO B 289 -1.03 -47.71 7.27
N LYS B 290 -1.21 -48.02 5.96
CA LYS B 290 -0.79 -47.15 4.87
C LYS B 290 -1.99 -46.42 4.29
N ARG B 291 -1.98 -45.08 4.34
CA ARG B 291 -3.04 -44.23 3.79
C ARG B 291 -2.60 -43.55 2.49
N PHE B 292 -3.50 -43.37 1.52
CA PHE B 292 -3.18 -42.67 0.26
C PHE B 292 -4.29 -41.67 -0.03
N PRO B 293 -4.12 -40.70 -0.96
CA PRO B 293 -5.22 -39.78 -1.28
C PRO B 293 -6.40 -40.54 -1.88
N LEU B 294 -7.61 -40.21 -1.40
CA LEU B 294 -8.88 -40.81 -1.84
C LEU B 294 -9.07 -40.70 -3.35
N VAL B 295 -8.72 -39.54 -3.95
CA VAL B 295 -8.88 -39.25 -5.37
C VAL B 295 -8.09 -40.28 -6.21
N ASP B 296 -6.90 -40.70 -5.74
CA ASP B 296 -6.08 -41.71 -6.41
C ASP B 296 -6.64 -43.08 -6.21
N VAL B 297 -7.23 -43.35 -5.02
CA VAL B 297 -7.89 -44.60 -4.66
C VAL B 297 -9.02 -44.85 -5.70
N LEU B 298 -9.81 -43.82 -6.02
CA LEU B 298 -10.91 -43.89 -6.97
C LEU B 298 -10.43 -43.95 -8.41
N GLN B 299 -9.46 -43.08 -8.77
CA GLN B 299 -8.89 -43.06 -10.12
C GLN B 299 -8.32 -44.40 -10.49
N TYR B 300 -7.36 -44.90 -9.67
CA TYR B 300 -6.69 -46.17 -9.89
C TYR B 300 -7.64 -47.36 -9.82
N ALA B 301 -8.68 -47.31 -8.94
CA ALA B 301 -9.68 -48.40 -8.90
C ALA B 301 -10.41 -48.52 -10.24
N LEU B 302 -10.76 -47.36 -10.83
CA LEU B 302 -11.43 -47.25 -12.12
C LEU B 302 -10.46 -47.68 -13.23
N GLU B 303 -9.17 -47.32 -13.12
CA GLU B 303 -8.14 -47.74 -14.06
C GLU B 303 -8.12 -49.25 -14.14
N PHE B 304 -8.20 -49.91 -12.97
CA PHE B 304 -8.24 -51.35 -12.89
C PHE B 304 -9.47 -51.92 -13.58
N ALA B 305 -10.67 -51.42 -13.22
CA ALA B 305 -11.92 -51.89 -13.81
C ALA B 305 -11.94 -51.73 -15.35
N SER B 306 -11.53 -50.55 -15.87
CA SER B 306 -11.50 -50.29 -17.30
C SER B 306 -10.37 -51.02 -18.06
N SER B 307 -9.47 -51.78 -17.37
CA SER B 307 -8.41 -52.55 -18.05
C SER B 307 -9.01 -53.75 -18.77
N LYS B 308 -8.39 -54.13 -19.92
CA LYS B 308 -8.84 -55.26 -20.76
C LYS B 308 -8.68 -56.54 -19.94
N PRO B 309 -9.79 -57.29 -19.68
CA PRO B 309 -9.68 -58.49 -18.84
C PRO B 309 -8.74 -59.57 -19.35
N VAL B 310 -8.12 -60.31 -18.41
CA VAL B 310 -7.17 -61.42 -18.62
C VAL B 310 -7.69 -62.60 -17.81
N CYS B 311 -8.16 -63.64 -18.50
CA CYS B 311 -8.73 -64.85 -17.90
C CYS B 311 -7.65 -65.82 -17.34
N THR B 312 -6.38 -65.69 -17.77
CA THR B 312 -5.29 -66.58 -17.33
C THR B 312 -4.55 -66.01 -16.09
N SER B 313 -3.86 -66.87 -15.32
CA SER B 313 -3.09 -66.51 -14.13
C SER B 313 -1.72 -65.99 -14.55
N PRO B 314 -1.09 -65.07 -13.79
CA PRO B 314 0.22 -64.56 -14.21
C PRO B 314 1.36 -65.54 -13.94
N VAL B 315 1.09 -66.86 -13.91
CA VAL B 315 2.14 -67.87 -13.69
C VAL B 315 2.06 -69.00 -14.72
N ASP B 316 0.98 -69.00 -15.55
CA ASP B 316 0.68 -70.02 -16.58
C ASP B 316 1.79 -70.19 -17.62
N ASP B 317 2.53 -69.10 -17.93
CA ASP B 317 3.66 -69.07 -18.87
C ASP B 317 4.85 -69.90 -18.35
N ALA B 356 22.74 -44.77 -32.53
CA ALA B 356 23.06 -43.69 -33.46
C ALA B 356 22.26 -43.83 -34.78
N ALA B 357 20.96 -44.14 -34.64
CA ALA B 357 19.98 -44.36 -35.71
C ALA B 357 19.56 -43.03 -36.42
N ILE B 358 20.55 -42.39 -37.04
CA ILE B 358 20.38 -41.16 -37.81
C ILE B 358 20.42 -41.55 -39.30
N SER B 359 20.06 -42.81 -39.58
CA SER B 359 20.05 -43.41 -40.92
C SER B 359 18.62 -43.69 -41.43
N SER B 360 17.59 -43.18 -40.71
CA SER B 360 16.17 -43.43 -40.99
C SER B 360 15.41 -42.32 -41.78
N ARG B 361 14.50 -42.74 -42.71
CA ARG B 361 13.62 -41.90 -43.55
C ARG B 361 12.24 -41.81 -42.89
N SER B 362 12.10 -40.82 -42.00
CA SER B 362 10.92 -40.51 -41.20
C SER B 362 9.74 -40.02 -42.07
N VAL B 363 8.51 -40.43 -41.70
CA VAL B 363 7.28 -40.00 -42.38
C VAL B 363 6.83 -38.66 -41.79
N ILE B 364 5.86 -37.99 -42.46
CA ILE B 364 5.28 -36.74 -41.94
C ILE B 364 4.33 -37.11 -40.80
N HIS B 365 4.40 -36.38 -39.70
CA HIS B 365 3.52 -36.60 -38.56
C HIS B 365 2.40 -35.57 -38.60
N LYS B 366 1.15 -36.02 -38.65
CA LYS B 366 -0.01 -35.12 -38.68
C LYS B 366 -0.24 -34.51 -37.31
N PRO B 367 -0.69 -33.25 -37.18
CA PRO B 367 -0.91 -32.67 -35.83
C PRO B 367 -1.86 -33.51 -34.97
N PHE B 368 -1.75 -33.38 -33.64
CA PHE B 368 -2.60 -34.03 -32.61
C PHE B 368 -2.45 -35.57 -32.53
N THR B 369 -1.44 -36.11 -33.23
CA THR B 369 -1.16 -37.55 -33.20
C THR B 369 -0.07 -37.84 -32.13
N GLN B 370 0.17 -39.15 -31.90
CA GLN B 370 1.12 -39.71 -30.95
C GLN B 370 1.95 -40.77 -31.66
N SER B 371 3.28 -40.71 -31.57
CA SER B 371 4.14 -41.65 -32.28
C SER B 371 4.57 -42.81 -31.39
N ARG B 372 5.13 -42.55 -30.21
CA ARG B 372 5.65 -43.61 -29.37
C ARG B 372 4.57 -44.36 -28.53
N ILE B 373 3.27 -44.19 -28.88
CA ILE B 373 2.09 -44.77 -28.23
C ILE B 373 2.21 -46.33 -28.13
N PRO B 374 2.12 -46.87 -26.89
CA PRO B 374 2.38 -48.31 -26.68
C PRO B 374 1.33 -49.25 -27.24
N PRO B 375 1.64 -50.56 -27.46
CA PRO B 375 0.60 -51.48 -27.97
C PRO B 375 -0.46 -51.80 -26.93
N ASP B 376 -1.72 -51.94 -27.38
CA ASP B 376 -2.87 -52.23 -26.53
C ASP B 376 -3.18 -53.72 -26.51
N LEU B 377 -2.40 -54.45 -25.73
CA LEU B 377 -2.61 -55.89 -25.55
C LEU B 377 -2.91 -56.14 -24.07
N PRO B 378 -3.77 -57.12 -23.72
CA PRO B 378 -4.08 -57.36 -22.31
C PRO B 378 -2.86 -57.88 -21.54
N MET B 379 -2.67 -57.35 -20.32
CA MET B 379 -1.58 -57.69 -19.40
C MET B 379 -2.05 -57.70 -17.98
N HIS B 380 -1.31 -58.38 -17.09
CA HIS B 380 -1.63 -58.36 -15.67
C HIS B 380 -1.09 -57.07 -15.01
N PRO B 381 -1.75 -56.51 -13.98
CA PRO B 381 -3.00 -56.94 -13.35
C PRO B 381 -4.20 -56.37 -14.10
N ALA B 382 -5.23 -57.20 -14.21
CA ALA B 382 -6.49 -56.82 -14.86
C ALA B 382 -7.64 -57.67 -14.29
N PRO B 383 -8.95 -57.27 -14.42
CA PRO B 383 -10.03 -58.17 -14.00
C PRO B 383 -9.95 -59.48 -14.79
N ARG B 384 -10.41 -60.62 -14.24
CA ARG B 384 -10.41 -61.87 -15.01
C ARG B 384 -11.52 -61.83 -16.02
N HIS B 385 -12.64 -61.20 -15.59
CA HIS B 385 -13.85 -60.96 -16.33
C HIS B 385 -14.65 -59.81 -15.69
N ILE B 386 -15.51 -59.20 -16.51
CA ILE B 386 -16.38 -58.09 -16.17
C ILE B 386 -17.61 -58.14 -17.12
N THR B 387 -18.74 -57.56 -16.69
CA THR B 387 -19.96 -57.41 -17.48
C THR B 387 -19.95 -56.02 -18.08
N GLU B 388 -20.61 -55.81 -19.24
CA GLU B 388 -20.74 -54.46 -19.82
C GLU B 388 -21.53 -53.57 -18.84
N GLU B 389 -22.55 -54.17 -18.17
CA GLU B 389 -23.38 -53.53 -17.15
C GLU B 389 -22.55 -53.27 -15.91
N GLU B 390 -21.68 -54.23 -15.50
CA GLU B 390 -20.77 -54.06 -14.36
C GLU B 390 -19.91 -52.84 -14.57
N LEU B 391 -19.25 -52.78 -15.75
CA LEU B 391 -18.37 -51.68 -16.14
C LEU B 391 -19.12 -50.35 -16.17
N SER B 392 -20.34 -50.31 -16.74
CA SER B 392 -21.13 -49.08 -16.82
C SER B 392 -21.49 -48.54 -15.44
N VAL B 393 -21.74 -49.44 -14.44
CA VAL B 393 -22.08 -49.06 -13.07
C VAL B 393 -20.83 -48.45 -12.44
N LEU B 394 -19.70 -49.16 -12.52
CA LEU B 394 -18.43 -48.72 -11.98
C LEU B 394 -18.00 -47.37 -12.57
N GLU B 395 -18.04 -47.25 -13.90
CA GLU B 395 -17.66 -46.05 -14.63
C GLU B 395 -18.47 -44.83 -14.15
N SER B 396 -19.77 -44.98 -13.95
CA SER B 396 -20.63 -43.88 -13.50
C SER B 396 -20.38 -43.51 -12.03
N CYS B 397 -20.18 -44.53 -11.16
CA CYS B 397 -19.94 -44.37 -9.73
C CYS B 397 -18.67 -43.62 -9.47
N LEU B 398 -17.55 -44.30 -9.77
CA LEU B 398 -16.20 -43.87 -9.53
C LEU B 398 -15.88 -42.56 -10.24
N HIS B 399 -16.53 -42.24 -11.36
CA HIS B 399 -16.26 -40.96 -11.99
C HIS B 399 -16.96 -39.80 -11.24
N ARG B 400 -18.26 -39.95 -10.92
CA ARG B 400 -19.05 -38.94 -10.22
C ARG B 400 -18.51 -38.70 -8.83
N TRP B 401 -18.12 -39.77 -8.13
CA TRP B 401 -17.55 -39.66 -6.80
C TRP B 401 -16.20 -39.01 -6.82
N ARG B 402 -15.41 -39.20 -7.89
CA ARG B 402 -14.11 -38.57 -8.01
C ARG B 402 -14.27 -37.05 -8.13
N THR B 403 -15.21 -36.59 -8.98
CA THR B 403 -15.52 -35.16 -9.15
C THR B 403 -15.97 -34.58 -7.79
N GLU B 404 -16.86 -35.28 -7.08
CA GLU B 404 -17.34 -34.95 -5.74
C GLU B 404 -16.14 -34.71 -4.80
N ILE B 405 -15.20 -35.70 -4.75
CA ILE B 405 -13.99 -35.69 -3.92
C ILE B 405 -13.07 -34.51 -4.29
N GLU B 406 -12.85 -34.30 -5.60
CA GLU B 406 -11.99 -33.24 -6.13
C GLU B 406 -12.53 -31.87 -5.77
N ASN B 407 -13.87 -31.70 -5.91
CA ASN B 407 -14.57 -30.44 -5.58
C ASN B 407 -14.53 -30.15 -4.08
N ASP B 408 -14.68 -31.19 -3.24
CA ASP B 408 -14.63 -31.03 -1.79
C ASP B 408 -13.25 -30.64 -1.28
N THR B 409 -12.17 -31.23 -1.86
CA THR B 409 -10.81 -30.91 -1.41
C THR B 409 -10.55 -29.43 -1.72
N ARG B 410 -10.96 -28.95 -2.93
CA ARG B 410 -10.84 -27.56 -3.39
C ARG B 410 -11.63 -26.64 -2.48
N ASP B 411 -12.91 -27.00 -2.19
CA ASP B 411 -13.79 -26.24 -1.31
C ASP B 411 -13.18 -26.09 0.09
N LEU B 412 -12.69 -27.20 0.68
CA LEU B 412 -12.04 -27.21 2.00
C LEU B 412 -10.79 -26.30 2.03
N GLN B 413 -9.89 -26.46 1.05
CA GLN B 413 -8.66 -25.69 0.91
C GLN B 413 -8.94 -24.18 0.78
N GLU B 414 -10.00 -23.77 0.02
CA GLU B 414 -10.38 -22.35 -0.13
C GLU B 414 -10.73 -21.75 1.23
N SER B 415 -11.63 -22.46 1.96
CA SER B 415 -12.13 -22.10 3.29
C SER B 415 -11.02 -22.00 4.33
N ILE B 416 -10.02 -22.90 4.24
CA ILE B 416 -8.92 -22.91 5.20
C ILE B 416 -8.08 -21.65 4.98
N SER B 417 -7.71 -21.37 3.72
CA SER B 417 -6.94 -20.17 3.37
C SER B 417 -7.70 -18.91 3.73
N ARG B 418 -9.03 -18.91 3.53
CA ARG B 418 -9.93 -17.80 3.85
C ARG B 418 -9.89 -17.50 5.37
N ILE B 419 -9.94 -18.55 6.21
CA ILE B 419 -9.88 -18.41 7.67
C ILE B 419 -8.49 -17.90 8.05
N HIS B 420 -7.43 -18.48 7.43
CA HIS B 420 -6.04 -18.07 7.66
C HIS B 420 -5.85 -16.57 7.39
N ARG B 421 -6.37 -16.05 6.26
CA ARG B 421 -6.29 -14.63 5.86
C ARG B 421 -7.00 -13.75 6.90
N THR B 422 -8.20 -14.18 7.36
CA THR B 422 -9.01 -13.50 8.38
C THR B 422 -8.21 -13.31 9.68
N ILE B 423 -7.51 -14.39 10.14
CA ILE B 423 -6.69 -14.41 11.35
C ILE B 423 -5.50 -13.47 11.17
N GLU B 424 -4.85 -13.52 9.98
CA GLU B 424 -3.66 -12.74 9.60
C GLU B 424 -3.91 -11.22 9.65
N LEU B 425 -5.12 -10.82 9.21
CA LEU B 425 -5.52 -9.42 9.18
C LEU B 425 -6.40 -9.04 10.38
N MET B 426 -6.32 -9.78 11.51
CA MET B 426 -7.16 -9.45 12.67
C MET B 426 -6.76 -8.11 13.26
N TYR B 427 -5.46 -7.85 13.40
CA TYR B 427 -4.95 -6.61 14.01
C TYR B 427 -4.33 -5.69 12.94
N SER B 428 -4.92 -5.64 11.74
CA SER B 428 -4.42 -4.87 10.60
C SER B 428 -5.03 -3.49 10.43
N ASP B 429 -6.17 -3.21 11.12
CA ASP B 429 -6.85 -1.92 10.97
C ASP B 429 -5.98 -0.77 11.58
N LYS B 430 -6.10 0.47 11.04
CA LYS B 430 -5.29 1.65 11.41
C LYS B 430 -5.20 1.91 12.95
N SER B 431 -6.25 1.56 13.75
CA SER B 431 -6.26 1.78 15.21
C SER B 431 -5.40 0.75 15.98
N MET B 432 -4.79 -0.20 15.25
CA MET B 432 -3.94 -1.25 15.83
C MET B 432 -2.51 -1.20 15.22
N ILE B 433 -2.18 -0.09 14.53
CA ILE B 433 -0.93 0.09 13.77
C ILE B 433 -0.23 1.43 14.18
N GLN B 434 -0.43 1.87 15.44
CA GLN B 434 0.09 3.16 15.92
C GLN B 434 1.26 3.06 16.94
N VAL B 435 1.72 1.84 17.26
CA VAL B 435 2.87 1.61 18.18
C VAL B 435 3.91 0.77 17.40
N PRO B 436 4.62 1.39 16.42
CA PRO B 436 5.62 0.62 15.66
C PRO B 436 6.98 0.57 16.34
N TYR B 437 7.58 -0.63 16.38
CA TYR B 437 8.92 -0.86 16.88
C TYR B 437 9.72 -1.53 15.76
N ARG B 438 10.78 -0.86 15.29
CA ARG B 438 11.66 -1.31 14.21
C ARG B 438 12.81 -2.17 14.78
N LEU B 439 13.09 -3.33 14.16
CA LEU B 439 14.17 -4.22 14.57
C LEU B 439 15.50 -3.54 14.33
N HIS B 440 16.34 -3.43 15.37
CA HIS B 440 17.65 -2.81 15.27
C HIS B 440 18.74 -3.88 15.28
N ALA B 441 18.63 -4.87 16.21
CA ALA B 441 19.64 -5.91 16.32
C ALA B 441 19.06 -7.29 16.62
N VAL B 442 19.79 -8.33 16.19
CA VAL B 442 19.49 -9.75 16.38
C VAL B 442 20.75 -10.45 16.88
N LEU B 443 20.68 -11.05 18.06
CA LEU B 443 21.83 -11.78 18.61
C LEU B 443 21.60 -13.28 18.38
N VAL B 444 22.46 -13.88 17.57
CA VAL B 444 22.38 -15.27 17.14
C VAL B 444 23.34 -16.17 17.94
N HIS B 445 22.90 -17.42 18.20
CA HIS B 445 23.74 -18.43 18.85
C HIS B 445 23.65 -19.73 18.05
N GLU B 446 24.76 -20.48 18.07
CA GLU B 446 24.90 -21.75 17.39
C GLU B 446 25.69 -22.70 18.24
N GLY B 447 25.28 -23.95 18.31
CA GLY B 447 26.03 -24.93 19.09
C GLY B 447 25.40 -25.36 20.39
N GLN B 448 26.22 -26.02 21.25
CA GLN B 448 25.83 -26.56 22.55
C GLN B 448 25.33 -25.45 23.48
N ALA B 449 24.46 -25.80 24.47
CA ALA B 449 23.81 -24.92 25.46
C ALA B 449 24.78 -23.89 26.18
N ASN B 450 25.74 -24.39 27.02
CA ASN B 450 26.73 -23.56 27.72
C ASN B 450 28.10 -23.64 26.99
N ALA B 451 28.02 -23.39 25.67
CA ALA B 451 29.12 -23.35 24.70
C ALA B 451 28.63 -22.62 23.44
N GLY B 452 29.05 -23.11 22.27
CA GLY B 452 28.70 -22.55 20.96
C GLY B 452 29.37 -21.22 20.66
N HIS B 453 28.78 -20.43 19.77
CA HIS B 453 29.32 -19.14 19.39
C HIS B 453 28.21 -18.20 19.05
N TYR B 454 28.42 -16.92 19.40
CA TYR B 454 27.48 -15.84 19.17
C TYR B 454 28.00 -14.87 18.13
N TRP B 455 27.10 -14.32 17.34
CA TRP B 455 27.37 -13.27 16.39
C TRP B 455 26.11 -12.41 16.32
N ALA B 456 26.16 -11.27 15.63
CA ALA B 456 24.98 -10.42 15.58
C ALA B 456 24.70 -9.85 14.19
N TYR B 457 23.45 -9.49 13.98
CA TYR B 457 22.96 -8.82 12.79
C TYR B 457 22.48 -7.47 13.24
N ILE B 458 23.19 -6.41 12.85
CA ILE B 458 22.79 -5.09 13.31
C ILE B 458 22.55 -4.20 12.12
N PHE B 459 21.49 -3.39 12.22
CA PHE B 459 21.08 -2.49 11.17
C PHE B 459 21.82 -1.15 11.20
N ASP B 460 22.35 -0.73 10.04
CA ASP B 460 23.06 0.53 9.84
C ASP B 460 22.04 1.56 9.31
N HIS B 461 21.23 2.13 10.22
CA HIS B 461 20.12 3.08 10.02
C HIS B 461 20.40 4.23 9.04
N ARG B 462 21.65 4.76 8.98
CA ARG B 462 21.96 5.88 8.09
C ARG B 462 22.15 5.39 6.64
N GLU B 463 22.81 4.21 6.49
CA GLU B 463 23.12 3.54 5.23
C GLU B 463 21.91 2.73 4.72
N SER B 464 20.93 2.47 5.62
CA SER B 464 19.74 1.62 5.48
C SER B 464 20.14 0.23 4.91
N ARG B 465 20.96 -0.52 5.70
CA ARG B 465 21.53 -1.81 5.33
C ARG B 465 21.81 -2.67 6.57
N TRP B 466 21.53 -3.99 6.48
CA TRP B 466 21.82 -4.96 7.54
C TRP B 466 23.32 -5.31 7.51
N MET B 467 23.93 -5.51 8.68
CA MET B 467 25.35 -5.85 8.80
C MET B 467 25.58 -7.07 9.71
N LYS B 468 26.47 -7.98 9.29
CA LYS B 468 26.83 -9.18 10.06
C LYS B 468 28.09 -8.90 10.88
N TYR B 469 27.93 -8.81 12.22
CA TYR B 469 29.01 -8.57 13.18
C TYR B 469 29.50 -9.90 13.78
N ASN B 470 30.55 -10.46 13.21
CA ASN B 470 31.11 -11.72 13.70
C ASN B 470 32.62 -11.58 13.99
N ASP B 471 32.99 -11.22 15.25
CA ASP B 471 34.39 -11.04 15.75
C ASP B 471 35.43 -10.75 14.66
N ILE B 472 35.91 -9.50 14.55
CA ILE B 472 36.90 -9.08 13.52
C ILE B 472 36.16 -8.84 12.20
N ALA B 473 35.31 -9.80 11.82
CA ALA B 473 34.59 -9.76 10.56
C ALA B 473 33.25 -9.01 10.67
N VAL B 474 33.20 -7.81 10.05
CA VAL B 474 32.00 -6.99 9.96
C VAL B 474 31.73 -6.85 8.45
N THR B 475 30.73 -7.63 7.94
CA THR B 475 30.34 -7.72 6.53
C THR B 475 28.93 -7.21 6.23
N LYS B 476 28.74 -6.59 5.04
CA LYS B 476 27.46 -6.07 4.57
C LYS B 476 26.52 -7.24 4.25
N SER B 477 25.51 -7.47 5.11
CA SER B 477 24.58 -8.59 4.96
C SER B 477 23.24 -8.14 4.33
N SER B 478 22.19 -8.96 4.54
CA SER B 478 20.84 -8.76 4.04
C SER B 478 19.83 -9.34 5.01
N TRP B 479 18.54 -9.00 4.82
CA TRP B 479 17.45 -9.55 5.64
C TRP B 479 17.36 -11.05 5.38
N GLU B 480 17.61 -11.46 4.13
CA GLU B 480 17.60 -12.83 3.66
C GLU B 480 18.65 -13.63 4.42
N GLU B 481 19.82 -13.02 4.69
CA GLU B 481 20.89 -13.69 5.44
C GLU B 481 20.45 -13.86 6.88
N LEU B 482 19.97 -12.76 7.47
CA LEU B 482 19.47 -12.70 8.84
C LEU B 482 18.46 -13.83 9.12
N VAL B 483 17.44 -13.99 8.25
CA VAL B 483 16.38 -14.98 8.39
C VAL B 483 16.95 -16.42 8.41
N ARG B 484 17.88 -16.75 7.49
CA ARG B 484 18.47 -18.09 7.41
C ARG B 484 19.17 -18.44 8.73
N ASP B 485 19.86 -17.45 9.31
CA ASP B 485 20.63 -17.63 10.53
C ASP B 485 19.82 -17.43 11.83
N SER B 486 18.65 -16.77 11.79
CA SER B 486 17.94 -16.44 13.03
C SER B 486 16.57 -17.10 13.26
N PHE B 487 15.85 -17.47 12.19
CA PHE B 487 14.50 -18.05 12.32
C PHE B 487 14.53 -19.48 12.89
N GLY B 488 15.58 -20.24 12.61
CA GLY B 488 15.70 -21.61 13.09
C GLY B 488 15.21 -22.60 12.05
N GLY B 489 15.77 -23.79 12.08
CA GLY B 489 15.44 -24.86 11.13
C GLY B 489 16.28 -24.77 9.87
N TYR B 490 16.43 -23.55 9.31
CA TYR B 490 17.21 -23.28 8.11
C TYR B 490 18.69 -23.66 8.30
N ARG B 491 19.27 -23.30 9.46
CA ARG B 491 20.65 -23.59 9.85
C ARG B 491 20.69 -24.06 11.33
N ASN B 492 21.89 -24.44 11.84
CA ASN B 492 22.08 -24.89 13.23
C ASN B 492 22.04 -23.68 14.23
N ALA B 493 21.99 -22.48 13.67
CA ALA B 493 21.94 -21.21 14.38
C ALA B 493 20.53 -20.62 14.36
N SER B 494 20.19 -19.91 15.44
CA SER B 494 18.92 -19.24 15.67
C SER B 494 19.09 -18.15 16.69
N ALA B 495 18.40 -17.03 16.47
CA ALA B 495 18.41 -15.88 17.35
C ALA B 495 17.99 -16.25 18.78
N TYR B 496 18.71 -15.69 19.76
CA TYR B 496 18.46 -15.88 21.19
C TYR B 496 17.89 -14.58 21.78
N CYS B 497 18.06 -13.45 21.05
CA CYS B 497 17.66 -12.12 21.47
C CYS B 497 17.31 -11.22 20.29
N LEU B 498 16.23 -10.44 20.46
CA LEU B 498 15.76 -9.42 19.50
C LEU B 498 15.71 -8.06 20.17
N MET B 499 16.34 -7.06 19.55
CA MET B 499 16.38 -5.68 20.00
C MET B 499 15.54 -4.81 19.04
N TYR B 500 14.44 -4.29 19.55
CA TYR B 500 13.57 -3.40 18.77
C TYR B 500 13.70 -1.99 19.30
N ILE B 501 13.55 -1.00 18.42
CA ILE B 501 13.63 0.41 18.77
C ILE B 501 12.32 1.06 18.38
N ASN B 502 11.79 1.97 19.22
CA ASN B 502 10.55 2.72 18.93
C ASN B 502 10.77 3.57 17.69
N ASP B 503 9.86 3.46 16.70
CA ASP B 503 10.02 4.22 15.46
C ASP B 503 9.78 5.72 15.68
N LYS B 504 8.99 6.07 16.72
CA LYS B 504 8.70 7.45 17.11
C LYS B 504 9.89 8.03 17.83
N ALA B 505 10.70 7.15 18.43
CA ALA B 505 11.90 7.53 19.16
C ALA B 505 13.06 7.72 18.18
N GLN B 506 13.13 8.95 17.65
CA GLN B 506 14.13 9.42 16.71
C GLN B 506 15.45 9.79 17.42
N PHE B 507 15.42 9.87 18.78
CA PHE B 507 16.58 10.25 19.61
C PHE B 507 17.58 9.09 19.86
N LEU B 508 17.25 7.85 19.47
CA LEU B 508 18.16 6.72 19.66
C LEU B 508 19.16 6.64 18.53
N ILE B 509 18.91 7.36 17.42
CA ILE B 509 19.80 7.51 16.26
C ILE B 509 20.04 9.04 16.11
N GLN B 510 20.96 9.55 16.96
CA GLN B 510 21.33 10.97 17.12
C GLN B 510 22.73 11.30 16.52
N GLU B 511 22.86 11.24 15.18
CA GLU B 511 24.13 11.53 14.52
C GLU B 511 24.50 13.03 14.63
N GLU B 512 25.83 13.34 14.66
CA GLU B 512 26.34 14.71 14.75
C GLU B 512 26.16 15.44 13.41
N PHE B 513 25.64 16.69 13.46
CA PHE B 513 25.33 17.55 12.30
C PHE B 513 26.54 17.81 11.36
N ASN B 514 26.25 18.10 10.07
CA ASN B 514 27.24 18.41 9.02
C ASN B 514 27.09 19.88 8.53
N LYS B 515 25.96 20.55 8.87
CA LYS B 515 25.64 21.94 8.52
C LYS B 515 26.30 22.91 9.50
N PRO B 529 32.92 10.60 13.87
CA PRO B 529 34.24 10.74 13.23
C PRO B 529 35.19 11.57 14.11
N ASP B 530 34.77 12.81 14.46
CA ASP B 530 35.46 13.71 15.38
C ASP B 530 34.82 13.48 16.75
N LEU B 531 35.19 12.33 17.36
CA LEU B 531 34.69 11.78 18.64
C LEU B 531 34.77 12.77 19.82
N ARG B 532 33.89 12.56 20.82
CA ARG B 532 33.84 13.35 22.06
C ARG B 532 35.10 13.11 22.91
N ASP B 533 35.88 12.08 22.53
CA ASP B 533 37.14 11.65 23.14
C ASP B 533 38.24 12.72 23.00
N PHE B 534 39.25 12.58 23.88
CA PHE B 534 40.45 13.40 23.98
C PHE B 534 41.68 12.62 23.43
N VAL B 535 42.09 12.97 22.18
CA VAL B 535 43.26 12.56 21.35
C VAL B 535 43.76 11.07 21.50
N GLU B 536 42.93 10.11 21.97
CA GLU B 536 43.36 8.72 22.17
C GLU B 536 43.49 7.95 20.84
N GLU B 537 42.40 7.91 20.02
CA GLU B 537 42.34 7.23 18.71
C GLU B 537 43.38 7.81 17.72
N ASP B 538 43.78 9.10 17.93
CA ASP B 538 44.77 9.84 17.15
C ASP B 538 46.17 9.24 17.37
N ASN B 539 46.42 8.66 18.57
CA ASN B 539 47.68 7.99 18.94
C ASN B 539 47.74 6.55 18.39
N GLN B 540 46.66 5.76 18.58
CA GLN B 540 46.59 4.37 18.12
C GLN B 540 46.51 4.27 16.58
N ARG B 541 46.16 5.41 15.91
CA ARG B 541 46.10 5.52 14.45
C ARG B 541 47.49 5.90 13.88
N PHE B 542 48.34 6.54 14.73
CA PHE B 542 49.71 6.93 14.41
C PHE B 542 50.66 5.76 14.71
N GLU B 543 50.44 5.02 15.84
CA GLU B 543 51.22 3.85 16.27
C GLU B 543 51.09 2.71 15.26
N LYS B 544 49.88 2.59 14.66
CA LYS B 544 49.56 1.60 13.63
C LYS B 544 50.09 2.05 12.26
N GLU B 545 50.20 3.39 12.02
CA GLU B 545 50.76 3.96 10.78
C GLU B 545 52.20 3.49 10.60
N LEU B 546 52.83 3.10 11.73
CA LEU B 546 54.17 2.53 11.81
C LEU B 546 54.13 1.09 11.28
N GLU B 547 54.53 0.98 10.00
CA GLU B 547 54.65 -0.23 9.20
C GLU B 547 56.08 -0.27 8.68
N GLU B 548 56.84 -1.29 9.10
CA GLU B 548 58.24 -1.46 8.72
C GLU B 548 58.32 -1.99 7.29
N TRP B 549 59.44 -1.68 6.59
CA TRP B 549 59.65 -2.10 5.20
C TRP B 549 61.13 -2.47 4.94
N ASP B 550 61.45 -3.77 5.04
CA ASP B 550 62.80 -4.31 4.82
C ASP B 550 62.93 -4.89 3.41
CL CL C . -24.67 -5.82 -18.34
CL CL D . -18.71 12.78 -29.60
CL CL E . -17.76 -18.64 10.17
#